data_4BR3
#
_entry.id   4BR3
#
_cell.length_a   55.737
_cell.length_b   122.254
_cell.length_c   132.173
_cell.angle_alpha   90.00
_cell.angle_beta   90.00
_cell.angle_gamma   90.00
#
_symmetry.space_group_name_H-M   'P 21 21 21'
#
loop_
_entity.id
_entity.type
_entity.pdbx_description
1 polymer 'CHOLINE KINASE ALPHA'
2 non-polymer "1-((4'-((6-amino-3H-purin-3-yl)methyl)biphenyl-4-yl)methyl)-4-(dimethylamino)pyridinium"
3 non-polymer 3-benzyladenine
4 non-polymer 'PHOSPHATE ION'
5 water water
#
_entity_poly.entity_id   1
_entity_poly.type   'polypeptide(L)'
_entity_poly.pdbx_seq_one_letter_code
;PQPPADEQPEPRTRRRAYLWCKEFLPGAWRGLREDEFHISVIRGGLSNMLFQCSLPDTTATLGDEPRKVLLRLYGAILQM
RSCNKEGSEQAQKENEFQGAEAMVLESVMFAILAERSLGPKLYGIFPQGRLEQFIPSRRLDTEELSLPDISAEIAEKMAT
FHGMKMPFNKEPKWLFGTMEKYLKEVLRIKFTEESRIKKLHKLLSYNLPLELENLRSLLESTPSPVVFCHNDCQEGNILL
LEGRENSEKQKLMLIDFEYSSYNYRGFDIGNHFCEWMYDYSYEKYPFFRANIRKYPTKKQQLHFISSYLPAFQNDFENLS
TEEKSIIKEEMLLEVNRFALASHFLWGLWSIVQAKISSIEFGYMDYAQARFDAYFHQKRKLGV
;
_entity_poly.pdbx_strand_id   A,B
#
loop_
_chem_comp.id
_chem_comp.type
_chem_comp.name
_chem_comp.formula
A4V non-polymer 3-benzyladenine 'C12 H12 N5 1'
PO4 non-polymer 'PHOSPHATE ION' 'O4 P -3'
U85 non-polymer 1-((4'-((6-amino-3H-purin-3-yl)methyl)biphenyl-4-yl)methyl)-4-(dimethylamino)pyridinium 'C26 H26 N7 1'
#
# COMPACT_ATOMS: atom_id res chain seq x y z
N ASP A 6 23.58 -10.72 19.65
CA ASP A 6 22.51 -10.57 20.68
C ASP A 6 22.47 -9.16 21.29
N GLU A 7 22.88 -8.17 20.50
CA GLU A 7 23.04 -6.79 20.98
C GLU A 7 21.71 -6.07 21.25
N GLN A 8 21.69 -5.32 22.36
CA GLN A 8 20.52 -4.56 22.80
C GLN A 8 20.51 -3.17 22.19
N PRO A 9 19.32 -2.70 21.73
CA PRO A 9 19.17 -1.34 21.20
C PRO A 9 19.22 -0.32 22.34
N GLU A 10 19.36 0.96 22.02
CA GLU A 10 19.39 1.99 23.08
C GLU A 10 18.00 2.11 23.73
N PRO A 11 17.94 2.28 25.07
CA PRO A 11 16.67 2.04 25.77
C PRO A 11 15.46 2.84 25.29
N ARG A 12 15.67 3.96 24.60
CA ARG A 12 14.54 4.68 23.98
C ARG A 12 13.94 3.94 22.77
N THR A 13 14.79 3.27 22.01
CA THR A 13 14.36 2.45 20.87
C THR A 13 13.55 1.23 21.34
N ARG A 14 14.07 0.55 22.37
CA ARG A 14 13.40 -0.55 23.03
C ARG A 14 11.96 -0.17 23.40
N ARG A 15 11.78 1.00 24.02
CA ARG A 15 10.45 1.44 24.42
C ARG A 15 9.54 1.70 23.22
N ARG A 16 10.04 2.38 22.19
CA ARG A 16 9.24 2.63 21.00
C ARG A 16 8.86 1.33 20.24
N ALA A 17 9.81 0.41 20.11
CA ALA A 17 9.57 -0.90 19.52
C ALA A 17 8.52 -1.71 20.30
N TYR A 18 8.63 -1.72 21.63
CA TYR A 18 7.62 -2.30 22.49
C TYR A 18 6.19 -1.79 22.20
N LEU A 19 6.02 -0.48 22.13
CA LEU A 19 4.73 0.13 21.84
C LEU A 19 4.19 -0.21 20.46
N TRP A 20 5.04 -0.19 19.44
CA TRP A 20 4.61 -0.56 18.10
C TRP A 20 4.16 -2.00 18.08
N CYS A 21 4.98 -2.91 18.61
CA CYS A 21 4.61 -4.32 18.70
C CYS A 21 3.29 -4.53 19.48
N LYS A 22 3.15 -3.88 20.62
CA LYS A 22 1.98 -4.06 21.48
C LYS A 22 0.67 -3.58 20.80
N GLU A 23 0.74 -2.50 20.02
CA GLU A 23 -0.45 -1.87 19.44
C GLU A 23 -0.83 -2.39 18.04
N PHE A 24 0.19 -2.80 17.29
CA PHE A 24 0.01 -3.33 15.93
C PHE A 24 -0.22 -4.84 15.88
N LEU A 25 0.36 -5.59 16.82
CA LEU A 25 0.33 -7.04 16.73
C LEU A 25 -0.81 -7.63 17.56
N PRO A 26 -1.54 -8.58 16.97
CA PRO A 26 -2.67 -9.13 17.78
C PRO A 26 -2.25 -10.18 18.85
N GLY A 27 -3.21 -10.68 19.62
CA GLY A 27 -2.97 -11.87 20.43
C GLY A 27 -2.21 -11.58 21.70
N ALA A 28 -1.29 -12.45 22.07
CA ALA A 28 -0.52 -12.26 23.29
C ALA A 28 0.27 -10.95 23.36
N TRP A 29 0.50 -10.30 22.22
CA TRP A 29 1.31 -9.07 22.16
C TRP A 29 0.55 -7.89 22.76
N ARG A 30 -0.78 -7.88 22.59
CA ARG A 30 -1.61 -6.74 23.02
C ARG A 30 -1.57 -6.50 24.54
N GLY A 31 -1.27 -7.56 25.29
CA GLY A 31 -1.25 -7.46 26.75
C GLY A 31 0.13 -7.68 27.36
N LEU A 32 1.18 -7.50 26.56
CA LEU A 32 2.56 -7.69 27.01
C LEU A 32 3.01 -6.52 27.87
N ARG A 33 3.76 -6.80 28.93
CA ARG A 33 4.43 -5.74 29.66
C ARG A 33 5.80 -5.41 29.06
N GLU A 34 6.36 -4.24 29.39
CA GLU A 34 7.63 -3.78 28.84
C GLU A 34 8.76 -4.70 29.28
N ASP A 35 8.63 -5.25 30.48
CA ASP A 35 9.67 -6.09 31.02
C ASP A 35 9.68 -7.50 30.40
N GLU A 36 8.60 -7.88 29.72
CA GLU A 36 8.56 -9.19 29.03
C GLU A 36 9.06 -9.10 27.57
N PHE A 37 9.30 -7.88 27.11
CA PHE A 37 9.58 -7.67 25.71
C PHE A 37 11.03 -8.02 25.33
N HIS A 38 11.18 -8.87 24.31
CA HIS A 38 12.48 -9.29 23.81
C HIS A 38 12.82 -8.67 22.47
N ILE A 39 13.99 -8.04 22.40
CA ILE A 39 14.47 -7.38 21.20
C ILE A 39 15.99 -7.43 21.08
N SER A 40 16.50 -7.74 19.89
CA SER A 40 17.93 -7.59 19.63
C SER A 40 18.20 -7.02 18.23
N VAL A 41 19.28 -6.28 18.09
CA VAL A 41 19.64 -5.65 16.81
C VAL A 41 19.99 -6.73 15.79
N ILE A 42 19.45 -6.64 14.59
CA ILE A 42 19.84 -7.53 13.49
C ILE A 42 20.91 -6.83 12.66
N ARG A 43 20.65 -5.57 12.34
CA ARG A 43 21.64 -4.72 11.70
C ARG A 43 21.48 -3.26 12.18
N GLY A 44 22.59 -2.65 12.60
CA GLY A 44 22.64 -1.23 12.97
C GLY A 44 22.80 -0.31 11.76
N GLY A 45 23.70 0.65 11.87
CA GLY A 45 23.92 1.61 10.78
C GLY A 45 23.13 2.89 11.00
N LEU A 46 23.41 3.90 10.19
CA LEU A 46 22.75 5.20 10.33
C LEU A 46 21.29 5.23 9.80
N SER A 47 20.90 4.19 9.07
CA SER A 47 19.55 4.11 8.49
C SER A 47 19.13 2.66 8.23
N ASN A 48 17.86 2.49 7.86
CA ASN A 48 17.21 1.18 7.65
C ASN A 48 17.65 0.06 8.63
N MET A 49 17.57 0.38 9.92
CA MET A 49 18.01 -0.53 10.99
C MET A 49 17.02 -1.68 11.20
N LEU A 50 17.53 -2.83 11.64
CA LEU A 50 16.71 -4.02 11.77
C LEU A 50 16.81 -4.56 13.17
N PHE A 51 15.70 -5.11 13.67
CA PHE A 51 15.66 -5.69 14.99
C PHE A 51 14.76 -6.90 14.94
N GLN A 52 15.05 -7.90 15.76
CA GLN A 52 14.14 -9.00 15.98
C GLN A 52 13.39 -8.79 17.29
N CYS A 53 12.08 -8.82 17.24
CA CYS A 53 11.29 -8.69 18.45
C CYS A 53 10.53 -9.98 18.66
N SER A 54 10.36 -10.38 19.91
CA SER A 54 9.62 -11.61 20.15
C SER A 54 8.98 -11.66 21.51
N LEU A 55 8.03 -12.56 21.64
CA LEU A 55 7.44 -12.92 22.92
C LEU A 55 8.45 -13.67 23.80
N PRO A 56 8.24 -13.71 25.13
CA PRO A 56 8.94 -14.70 25.96
C PRO A 56 8.62 -16.14 25.52
N ASP A 57 9.59 -17.05 25.58
CA ASP A 57 9.34 -18.47 25.33
C ASP A 57 8.20 -19.02 26.21
N THR A 58 8.10 -18.50 27.43
CA THR A 58 7.07 -18.97 28.35
C THR A 58 5.69 -18.34 28.13
N THR A 59 5.54 -17.47 27.13
CA THR A 59 4.23 -16.90 26.82
C THR A 59 3.59 -17.70 25.68
N ALA A 60 2.36 -18.16 25.88
CA ALA A 60 1.62 -18.90 24.87
C ALA A 60 0.95 -17.94 23.88
N THR A 61 0.82 -18.35 22.63
CA THR A 61 0.06 -17.53 21.69
C THR A 61 -1.45 -17.75 21.89
N LEU A 62 -2.25 -16.74 21.52
CA LEU A 62 -3.69 -16.78 21.74
C LEU A 62 -4.42 -17.28 20.48
N GLY A 63 -3.88 -16.94 19.32
CA GLY A 63 -4.40 -17.37 18.04
C GLY A 63 -3.28 -17.70 17.07
N ASP A 64 -3.32 -17.06 15.91
CA ASP A 64 -2.32 -17.35 14.89
C ASP A 64 -1.31 -16.19 14.74
N GLU A 65 -1.20 -15.38 15.79
CA GLU A 65 -0.26 -14.27 15.78
C GLU A 65 1.20 -14.80 15.82
N PRO A 66 2.13 -14.04 15.20
CA PRO A 66 3.52 -14.52 15.13
C PRO A 66 4.20 -14.43 16.49
N ARG A 67 5.13 -15.33 16.76
CA ARG A 67 5.89 -15.37 18.00
C ARG A 67 7.00 -14.34 17.94
N LYS A 68 7.40 -14.01 16.72
CA LYS A 68 8.65 -13.32 16.45
C LYS A 68 8.48 -12.47 15.18
N VAL A 69 8.91 -11.21 15.24
CA VAL A 69 8.77 -10.30 14.10
C VAL A 69 10.06 -9.53 13.84
N LEU A 70 10.16 -9.01 12.63
CA LEU A 70 11.22 -8.09 12.29
C LEU A 70 10.72 -6.65 12.36
N LEU A 71 11.44 -5.81 13.09
CA LEU A 71 11.16 -4.40 13.03
C LEU A 71 12.17 -3.70 12.11
N ARG A 72 11.66 -2.94 11.13
CA ARG A 72 12.51 -2.15 10.24
C ARG A 72 12.28 -0.67 10.49
N LEU A 73 13.33 0.02 10.97
CA LEU A 73 13.27 1.46 11.17
C LEU A 73 14.04 2.21 10.07
N TYR A 74 13.37 3.12 9.38
CA TYR A 74 13.98 3.88 8.28
C TYR A 74 15.17 4.77 8.68
N GLY A 75 14.97 5.57 9.73
CA GLY A 75 15.91 6.66 10.08
C GLY A 75 16.04 7.66 8.93
N ALA A 76 14.90 8.22 8.50
CA ALA A 76 14.80 9.07 7.30
C ALA A 76 15.87 10.17 7.21
N GLU A 101 7.15 10.80 -1.73
CA GLU A 101 6.40 9.93 -2.62
C GLU A 101 6.85 8.47 -2.52
N ALA A 102 8.17 8.26 -2.62
CA ALA A 102 8.77 6.92 -2.66
C ALA A 102 8.39 6.07 -1.46
N MET A 103 7.94 6.75 -0.41
CA MET A 103 7.46 6.14 0.81
C MET A 103 6.13 5.42 0.56
N VAL A 104 5.23 6.05 -0.18
CA VAL A 104 3.96 5.42 -0.59
C VAL A 104 4.22 4.28 -1.58
N LEU A 105 5.07 4.53 -2.57
CA LEU A 105 5.32 3.52 -3.56
C LEU A 105 5.97 2.27 -2.95
N GLU A 106 6.93 2.45 -2.05
CA GLU A 106 7.59 1.31 -1.44
C GLU A 106 6.62 0.52 -0.52
N SER A 107 5.81 1.25 0.24
CA SER A 107 4.82 0.66 1.15
C SER A 107 3.73 -0.18 0.45
N VAL A 108 3.11 0.40 -0.58
CA VAL A 108 2.12 -0.31 -1.43
C VAL A 108 2.71 -1.56 -2.08
N MET A 109 3.91 -1.42 -2.66
CA MET A 109 4.61 -2.55 -3.24
C MET A 109 4.87 -3.67 -2.23
N PHE A 110 5.38 -3.33 -1.04
CA PHE A 110 5.60 -4.35 -0.02
C PHE A 110 4.28 -5.07 0.35
N ALA A 111 3.22 -4.30 0.51
CA ALA A 111 1.88 -4.82 0.84
C ALA A 111 1.37 -5.78 -0.23
N ILE A 112 1.54 -5.43 -1.50
CA ILE A 112 1.05 -6.24 -2.60
C ILE A 112 1.76 -7.59 -2.66
N LEU A 113 3.08 -7.54 -2.51
CA LEU A 113 3.91 -8.70 -2.58
C LEU A 113 3.62 -9.66 -1.46
N ALA A 114 3.35 -9.11 -0.26
CA ALA A 114 3.01 -9.94 0.90
C ALA A 114 1.67 -10.64 0.64
N GLU A 115 0.69 -9.89 0.15
CA GLU A 115 -0.58 -10.46 -0.27
C GLU A 115 -0.41 -11.60 -1.29
N ARG A 116 0.54 -11.46 -2.20
CA ARG A 116 0.79 -12.49 -3.21
C ARG A 116 1.77 -13.60 -2.75
N SER A 117 2.11 -13.63 -1.46
CA SER A 117 3.06 -14.59 -0.88
C SER A 117 4.42 -14.55 -1.56
N LEU A 118 4.80 -13.37 -2.03
CA LEU A 118 6.03 -13.24 -2.77
C LEU A 118 7.03 -12.44 -1.96
N GLY A 119 6.66 -12.16 -0.71
CA GLY A 119 7.50 -11.45 0.24
C GLY A 119 7.00 -11.71 1.66
N PRO A 120 7.73 -11.20 2.66
CA PRO A 120 7.31 -11.31 4.06
C PRO A 120 5.94 -10.65 4.27
N LYS A 121 5.16 -11.17 5.21
CA LYS A 121 3.86 -10.54 5.54
C LYS A 121 4.16 -9.19 6.12
N LEU A 122 3.22 -8.27 5.92
CA LEU A 122 3.23 -6.97 6.55
C LEU A 122 2.31 -6.96 7.77
N TYR A 123 2.87 -6.76 8.97
CA TYR A 123 2.08 -6.73 10.20
C TYR A 123 1.73 -5.33 10.71
N GLY A 124 2.53 -4.33 10.38
CA GLY A 124 2.30 -2.99 10.88
C GLY A 124 3.04 -1.98 10.03
N ILE A 125 2.37 -0.89 9.69
CA ILE A 125 3.06 0.23 9.06
C ILE A 125 2.79 1.53 9.80
N PHE A 126 3.85 2.31 9.99
CA PHE A 126 3.82 3.56 10.76
C PHE A 126 4.92 4.51 10.25
N PRO A 127 4.87 5.79 10.62
CA PRO A 127 5.75 6.72 9.87
C PRO A 127 7.25 6.42 10.03
N GLN A 128 7.66 5.85 11.17
CA GLN A 128 9.08 5.57 11.43
C GLN A 128 9.54 4.21 10.89
N GLY A 129 8.61 3.44 10.33
CA GLY A 129 8.96 2.11 9.84
C GLY A 129 7.87 1.08 9.74
N ARG A 130 8.27 -0.18 9.86
CA ARG A 130 7.31 -1.26 9.78
C ARG A 130 7.68 -2.55 10.52
N LEU A 131 6.65 -3.37 10.73
CA LEU A 131 6.82 -4.68 11.34
C LEU A 131 6.55 -5.72 10.28
N GLU A 132 7.51 -6.62 10.10
CA GLU A 132 7.36 -7.63 9.03
C GLU A 132 7.51 -9.01 9.60
N GLN A 133 7.07 -10.00 8.82
CA GLN A 133 7.26 -11.39 9.16
C GLN A 133 8.75 -11.67 9.23
N PHE A 134 9.16 -12.37 10.28
CA PHE A 134 10.53 -12.83 10.36
C PHE A 134 10.68 -14.17 9.60
N ILE A 135 11.53 -14.19 8.59
CA ILE A 135 11.78 -15.39 7.80
C ILE A 135 13.10 -16.02 8.27
N PRO A 136 13.03 -17.20 8.93
CA PRO A 136 14.25 -17.92 9.31
C PRO A 136 15.10 -18.28 8.08
N SER A 137 16.34 -17.82 8.04
CA SER A 137 17.15 -17.87 6.82
C SER A 137 18.51 -17.28 7.04
N ARG A 138 19.31 -17.30 5.97
CA ARG A 138 20.53 -16.50 5.82
C ARG A 138 20.56 -15.91 4.39
N ARG A 139 21.36 -14.86 4.14
CA ARG A 139 21.57 -14.42 2.75
C ARG A 139 22.51 -15.40 2.05
N LEU A 140 22.51 -15.38 0.73
CA LEU A 140 23.49 -16.11 -0.06
C LEU A 140 24.82 -15.41 0.00
N ASP A 141 25.90 -16.17 -0.21
CA ASP A 141 27.22 -15.60 -0.38
C ASP A 141 27.40 -15.44 -1.87
N THR A 142 28.29 -14.56 -2.30
CA THR A 142 28.49 -14.36 -3.71
C THR A 142 28.88 -15.64 -4.51
N GLU A 143 29.73 -16.51 -3.93
CA GLU A 143 30.09 -17.80 -4.56
C GLU A 143 28.88 -18.71 -4.79
N GLU A 144 27.80 -18.52 -4.06
CA GLU A 144 26.64 -19.40 -4.24
C GLU A 144 25.79 -19.02 -5.45
N LEU A 145 26.00 -17.82 -5.98
CA LEU A 145 25.19 -17.35 -7.12
C LEU A 145 25.37 -18.24 -8.35
N SER A 146 26.54 -18.86 -8.45
CA SER A 146 26.86 -19.64 -9.64
C SER A 146 26.46 -21.11 -9.54
N LEU A 147 26.00 -21.55 -8.38
CA LEU A 147 25.54 -22.92 -8.22
C LEU A 147 24.32 -23.12 -9.09
N PRO A 148 24.33 -24.16 -9.93
CA PRO A 148 23.26 -24.34 -10.93
C PRO A 148 21.83 -24.36 -10.39
N ASP A 149 21.57 -25.05 -9.29
CA ASP A 149 20.23 -25.07 -8.70
C ASP A 149 19.81 -23.67 -8.27
N ILE A 150 20.78 -22.94 -7.73
CA ILE A 150 20.55 -21.58 -7.24
C ILE A 150 20.18 -20.65 -8.42
N SER A 151 21.06 -20.63 -9.43
CA SER A 151 20.90 -19.76 -10.59
C SER A 151 19.55 -20.00 -11.27
N ALA A 152 19.26 -21.28 -11.51
CA ALA A 152 18.01 -21.69 -12.15
C ALA A 152 16.85 -21.08 -11.42
N GLU A 153 16.88 -21.16 -10.09
CA GLU A 153 15.78 -20.68 -9.28
C GLU A 153 15.72 -19.16 -9.19
N ILE A 154 16.87 -18.51 -9.16
CA ILE A 154 16.89 -17.04 -9.24
C ILE A 154 16.25 -16.61 -10.57
N ALA A 155 16.62 -17.28 -11.65
CA ALA A 155 16.05 -16.99 -12.97
C ALA A 155 14.54 -17.14 -13.02
N GLU A 156 14.04 -18.21 -12.38
CA GLU A 156 12.59 -18.48 -12.32
C GLU A 156 11.88 -17.42 -11.51
N LYS A 157 12.41 -17.08 -10.34
CA LYS A 157 11.75 -16.08 -9.50
C LYS A 157 11.73 -14.72 -10.20
N MET A 158 12.82 -14.38 -10.87
CA MET A 158 12.89 -13.12 -11.60
C MET A 158 11.88 -13.07 -12.75
N ALA A 159 11.82 -14.14 -13.55
CA ALA A 159 10.84 -14.25 -14.62
C ALA A 159 9.43 -14.02 -14.11
N THR A 160 9.11 -14.71 -13.01
CA THR A 160 7.83 -14.65 -12.31
C THR A 160 7.36 -13.24 -12.01
N PHE A 161 8.17 -12.43 -11.33
CA PHE A 161 7.68 -11.10 -11.08
C PHE A 161 7.90 -10.10 -12.23
N HIS A 162 8.74 -10.43 -13.20
CA HIS A 162 8.76 -9.66 -14.43
C HIS A 162 7.40 -9.77 -15.11
N GLY A 163 6.73 -10.89 -14.87
CA GLY A 163 5.40 -11.14 -15.43
C GLY A 163 4.26 -10.39 -14.76
N MET A 164 4.42 -9.95 -13.51
CA MET A 164 3.25 -9.42 -12.84
C MET A 164 2.88 -7.94 -13.08
N LYS A 165 1.62 -7.62 -12.82
CA LYS A 165 1.10 -6.26 -12.93
C LYS A 165 1.30 -5.54 -11.60
N MET A 166 1.76 -4.29 -11.69
CA MET A 166 1.99 -3.44 -10.54
C MET A 166 1.51 -2.04 -10.88
N PRO A 167 0.76 -1.40 -9.97
CA PRO A 167 0.13 -0.07 -10.25
C PRO A 167 1.13 1.10 -10.34
N PHE A 168 2.20 0.91 -11.10
CA PHE A 168 3.26 1.92 -11.19
C PHE A 168 3.42 2.37 -12.63
N ASN A 169 4.18 3.44 -12.82
CA ASN A 169 4.32 4.04 -14.14
C ASN A 169 4.97 3.05 -15.07
N LYS A 170 4.40 2.83 -16.24
CA LYS A 170 4.89 1.81 -17.17
C LYS A 170 6.02 2.31 -18.11
N GLU A 171 6.22 3.63 -18.20
CA GLU A 171 7.28 4.19 -19.05
C GLU A 171 8.64 3.88 -18.47
N PRO A 172 9.54 3.31 -19.30
CA PRO A 172 10.88 2.91 -18.88
C PRO A 172 11.87 4.07 -18.77
N LYS A 173 11.55 5.08 -17.97
CA LYS A 173 12.41 6.27 -17.85
C LYS A 173 13.39 6.21 -16.69
N TRP A 174 13.20 5.21 -15.83
CA TRP A 174 14.00 5.03 -14.63
C TRP A 174 15.49 4.97 -14.92
N LEU A 175 15.86 4.16 -15.91
CA LEU A 175 17.25 3.80 -16.12
C LEU A 175 18.04 5.04 -16.52
N PHE A 176 17.63 5.69 -17.62
CA PHE A 176 18.36 6.87 -18.10
C PHE A 176 18.12 8.13 -17.27
N GLY A 177 16.89 8.27 -16.77
CA GLY A 177 16.54 9.32 -15.81
C GLY A 177 17.46 9.31 -14.60
N THR A 178 17.70 8.13 -14.03
CA THR A 178 18.55 8.01 -12.86
C THR A 178 20.02 8.22 -13.21
N MET A 179 20.48 7.67 -14.34
CA MET A 179 21.84 7.95 -14.80
C MET A 179 22.10 9.44 -15.01
N GLU A 180 21.15 10.13 -15.65
CA GLU A 180 21.28 11.56 -15.89
C GLU A 180 21.36 12.33 -14.58
N LYS A 181 20.51 11.94 -13.61
CA LYS A 181 20.48 12.59 -12.30
C LYS A 181 21.82 12.42 -11.59
N TYR A 182 22.39 11.21 -11.61
CA TYR A 182 23.67 11.00 -10.95
C TYR A 182 24.81 11.71 -11.66
N LEU A 183 24.81 11.70 -12.99
CA LEU A 183 25.82 12.40 -13.77
C LEU A 183 25.88 13.89 -13.42
N LYS A 184 24.72 14.53 -13.44
CA LYS A 184 24.56 15.93 -13.02
C LYS A 184 25.18 16.20 -11.62
N GLU A 185 24.85 15.37 -10.64
CA GLU A 185 25.43 15.50 -9.30
C GLU A 185 26.95 15.27 -9.33
N VAL A 186 27.38 14.25 -10.06
CA VAL A 186 28.80 13.90 -10.19
C VAL A 186 29.66 15.05 -10.72
N LEU A 187 29.21 15.74 -11.77
CA LEU A 187 29.91 16.89 -12.33
C LEU A 187 30.03 18.09 -11.34
N ARG A 188 29.11 18.22 -10.40
CA ARG A 188 29.08 19.28 -9.38
C ARG A 188 29.98 19.00 -8.16
N ILE A 189 30.39 17.75 -7.99
CA ILE A 189 31.12 17.31 -6.79
C ILE A 189 32.52 17.91 -6.71
N LYS A 190 32.89 18.37 -5.51
CA LYS A 190 34.26 18.78 -5.24
C LYS A 190 34.70 18.12 -3.93
N PHE A 191 35.79 17.37 -3.96
CA PHE A 191 36.35 16.76 -2.76
C PHE A 191 37.49 17.62 -2.22
N THR A 192 37.88 17.38 -0.96
CA THR A 192 39.01 18.08 -0.37
C THR A 192 40.20 17.16 -0.13
N GLU A 193 39.92 15.91 0.21
CA GLU A 193 40.96 14.93 0.54
C GLU A 193 41.64 14.47 -0.75
N GLU A 194 42.97 14.55 -0.79
CA GLU A 194 43.70 14.43 -2.06
C GLU A 194 43.51 13.12 -2.83
N SER A 195 43.44 11.98 -2.14
CA SER A 195 43.32 10.69 -2.86
C SER A 195 41.95 10.54 -3.53
N ARG A 196 40.93 11.16 -2.92
CA ARG A 196 39.60 11.23 -3.54
C ARG A 196 39.58 12.17 -4.76
N ILE A 197 40.18 13.37 -4.65
CA ILE A 197 40.26 14.29 -5.79
C ILE A 197 41.01 13.67 -6.96
N LYS A 198 42.10 12.98 -6.64
CA LYS A 198 42.92 12.27 -7.64
C LYS A 198 42.11 11.17 -8.38
N LYS A 199 41.43 10.32 -7.62
CA LYS A 199 40.54 9.29 -8.18
C LYS A 199 39.40 9.89 -8.97
N LEU A 200 38.80 10.98 -8.46
CA LEU A 200 37.76 11.65 -9.21
C LEU A 200 38.27 12.19 -10.55
N HIS A 201 39.51 12.67 -10.57
CA HIS A 201 40.11 13.15 -11.82
C HIS A 201 40.20 12.03 -12.88
N LYS A 202 40.50 10.81 -12.44
CA LYS A 202 40.60 9.67 -13.35
C LYS A 202 39.25 9.33 -13.98
N LEU A 203 38.21 9.27 -13.16
CA LEU A 203 36.87 8.93 -13.65
C LEU A 203 36.31 9.99 -14.62
N LEU A 204 36.45 11.26 -14.24
CA LEU A 204 36.07 12.40 -15.09
C LEU A 204 36.78 12.42 -16.44
N SER A 205 38.02 11.90 -16.48
CA SER A 205 38.86 11.93 -17.69
C SER A 205 38.35 11.01 -18.82
N TYR A 206 37.32 10.22 -18.52
CA TYR A 206 36.71 9.38 -19.53
C TYR A 206 35.67 10.16 -20.35
N ASN A 207 35.43 11.42 -20.02
CA ASN A 207 34.27 12.20 -20.55
C ASN A 207 32.93 11.45 -20.32
N LEU A 208 32.42 11.50 -19.09
CA LEU A 208 31.23 10.70 -18.74
C LEU A 208 29.95 11.11 -19.51
N PRO A 209 29.79 12.43 -19.82
CA PRO A 209 28.59 12.77 -20.62
C PRO A 209 28.62 12.16 -22.02
N LEU A 210 29.75 12.17 -22.69
CA LEU A 210 29.80 11.55 -24.02
C LEU A 210 29.63 10.03 -23.93
N GLU A 211 30.28 9.42 -22.95
CA GLU A 211 30.10 8.00 -22.68
C GLU A 211 28.61 7.67 -22.43
N LEU A 212 27.90 8.54 -21.72
CA LEU A 212 26.47 8.34 -21.47
C LEU A 212 25.66 8.29 -22.78
N GLU A 213 25.88 9.28 -23.65
CA GLU A 213 25.24 9.36 -24.95
C GLU A 213 25.58 8.15 -25.83
N ASN A 214 26.85 7.75 -25.85
CA ASN A 214 27.24 6.55 -26.57
C ASN A 214 26.51 5.34 -26.03
N LEU A 215 26.41 5.22 -24.71
CA LEU A 215 25.64 4.14 -24.11
C LEU A 215 24.13 4.22 -24.44
N ARG A 216 23.52 5.41 -24.34
CA ARG A 216 22.11 5.59 -24.70
C ARG A 216 21.84 5.10 -26.10
N SER A 217 22.73 5.48 -27.02
CA SER A 217 22.50 5.18 -28.42
C SER A 217 22.58 3.64 -28.69
N LEU A 218 23.62 3.00 -28.19
CA LEU A 218 23.69 1.54 -28.17
C LEU A 218 22.43 0.85 -27.60
N LEU A 219 21.92 1.31 -26.46
CA LEU A 219 20.74 0.68 -25.83
C LEU A 219 19.40 0.95 -26.54
N GLU A 220 19.28 2.11 -27.17
CA GLU A 220 18.16 2.40 -28.08
C GLU A 220 18.03 1.40 -29.24
N SER A 221 19.12 0.82 -29.68
CA SER A 221 19.05 -0.16 -30.73
C SER A 221 19.14 -1.59 -30.19
N THR A 222 18.96 -1.76 -28.88
CA THR A 222 18.94 -3.08 -28.22
C THR A 222 17.55 -3.34 -27.63
N PRO A 223 16.68 -4.01 -28.39
CA PRO A 223 15.32 -4.35 -27.91
C PRO A 223 15.32 -5.12 -26.60
N SER A 224 14.49 -4.66 -25.66
CA SER A 224 14.33 -5.28 -24.37
C SER A 224 12.95 -4.90 -23.85
N PRO A 225 12.15 -5.91 -23.48
CA PRO A 225 10.78 -5.70 -23.04
C PRO A 225 10.76 -4.93 -21.72
N VAL A 226 9.83 -4.01 -21.56
CA VAL A 226 9.69 -3.28 -20.30
C VAL A 226 8.87 -4.13 -19.35
N VAL A 227 9.48 -4.45 -18.20
CA VAL A 227 8.87 -5.32 -17.19
C VAL A 227 9.07 -4.76 -15.78
N PHE A 228 8.42 -5.37 -14.80
CA PHE A 228 8.61 -4.90 -13.44
C PHE A 228 9.87 -5.53 -12.86
N CYS A 229 10.88 -4.70 -12.59
CA CYS A 229 12.22 -5.13 -12.30
C CYS A 229 12.59 -4.92 -10.83
N HIS A 230 13.24 -5.92 -10.25
CA HIS A 230 13.80 -5.78 -8.90
C HIS A 230 14.81 -4.61 -8.88
N ASN A 231 15.68 -4.55 -9.91
CA ASN A 231 16.83 -3.60 -10.05
C ASN A 231 17.99 -3.75 -9.09
N ASP A 232 17.96 -4.71 -8.17
CA ASP A 232 19.05 -4.86 -7.16
C ASP A 232 19.13 -6.36 -6.78
N CYS A 233 19.08 -7.21 -7.80
CA CYS A 233 19.14 -8.62 -7.55
C CYS A 233 20.58 -9.13 -7.28
N GLN A 234 21.02 -8.93 -6.05
CA GLN A 234 22.33 -9.37 -5.59
C GLN A 234 22.12 -10.35 -4.41
N GLU A 235 23.18 -11.05 -4.06
CA GLU A 235 23.13 -12.15 -3.09
C GLU A 235 22.60 -11.70 -1.73
N GLY A 236 22.95 -10.48 -1.33
CA GLY A 236 22.49 -9.90 -0.07
C GLY A 236 20.99 -9.74 0.02
N ASN A 237 20.31 -9.77 -1.12
CA ASN A 237 18.87 -9.62 -1.22
C ASN A 237 18.19 -10.94 -1.58
N ILE A 238 18.91 -12.04 -1.38
CA ILE A 238 18.33 -13.35 -1.67
C ILE A 238 18.40 -14.26 -0.45
N LEU A 239 17.25 -14.77 -0.05
CA LEU A 239 17.19 -15.54 1.19
C LEU A 239 17.17 -17.02 0.94
N LEU A 240 18.11 -17.72 1.58
CA LEU A 240 18.10 -19.17 1.60
C LEU A 240 17.20 -19.60 2.76
N LEU A 241 16.05 -20.17 2.42
CA LEU A 241 15.03 -20.53 3.40
C LEU A 241 15.45 -21.69 4.33
N GLU A 242 15.36 -21.48 5.63
CA GLU A 242 15.69 -22.54 6.58
C GLU A 242 14.77 -23.74 6.40
N GLY A 243 15.34 -24.94 6.50
CA GLY A 243 14.56 -26.19 6.37
C GLY A 243 14.26 -26.63 4.95
N ARG A 244 14.57 -25.79 3.97
CA ARG A 244 14.24 -26.11 2.58
C ARG A 244 15.49 -26.35 1.70
N GLU A 245 16.64 -26.50 2.36
CA GLU A 245 17.93 -26.74 1.70
C GLU A 245 17.98 -27.99 0.81
N ASN A 246 17.07 -28.93 1.04
CA ASN A 246 16.99 -30.14 0.23
C ASN A 246 15.99 -30.02 -0.92
N SER A 247 15.22 -28.94 -0.93
CA SER A 247 14.39 -28.58 -2.07
C SER A 247 15.32 -28.10 -3.19
N GLU A 248 15.22 -28.71 -4.37
CA GLU A 248 16.09 -28.37 -5.47
C GLU A 248 15.72 -27.01 -6.12
N LYS A 249 14.42 -26.76 -6.25
CA LYS A 249 13.93 -25.62 -7.03
C LYS A 249 13.11 -24.56 -6.26
N GLN A 250 12.85 -24.81 -4.97
CA GLN A 250 11.99 -23.92 -4.19
C GLN A 250 12.54 -23.57 -2.81
N LYS A 251 13.79 -23.16 -2.76
CA LYS A 251 14.44 -22.83 -1.49
C LYS A 251 14.81 -21.35 -1.26
N LEU A 252 14.43 -20.46 -2.20
CA LEU A 252 14.82 -19.05 -2.09
C LEU A 252 13.66 -18.07 -2.07
N MET A 253 13.95 -16.86 -1.58
CA MET A 253 13.05 -15.71 -1.69
C MET A 253 13.88 -14.43 -1.96
N LEU A 254 13.47 -13.65 -2.96
CA LEU A 254 14.04 -12.33 -3.25
C LEU A 254 13.40 -11.30 -2.37
N ILE A 255 14.22 -10.47 -1.73
CA ILE A 255 13.70 -9.45 -0.87
C ILE A 255 14.25 -8.09 -1.28
N ASP A 256 13.84 -7.06 -0.55
CA ASP A 256 14.36 -5.70 -0.62
C ASP A 256 14.15 -5.10 -2.01
N PHE A 257 12.86 -5.02 -2.34
CA PHE A 257 12.36 -4.42 -3.55
C PHE A 257 12.22 -2.90 -3.53
N GLU A 258 12.83 -2.20 -2.57
CA GLU A 258 12.67 -0.75 -2.51
C GLU A 258 13.16 0.02 -3.76
N TYR A 259 14.00 -0.60 -4.59
CA TYR A 259 14.48 0.14 -5.79
C TYR A 259 13.80 -0.29 -7.07
N SER A 260 12.79 -1.14 -6.94
CA SER A 260 12.00 -1.62 -8.07
C SER A 260 11.30 -0.52 -8.86
N SER A 261 11.04 -0.83 -10.13
CA SER A 261 10.33 0.01 -11.10
C SER A 261 10.14 -0.79 -12.39
N TYR A 262 9.27 -0.26 -13.25
CA TYR A 262 9.20 -0.76 -14.60
C TYR A 262 10.44 -0.29 -15.34
N ASN A 263 11.08 -1.24 -16.03
CA ASN A 263 12.43 -1.05 -16.54
C ASN A 263 12.70 -2.15 -17.59
N TYR A 264 13.80 -2.03 -18.31
CA TYR A 264 14.15 -3.00 -19.34
C TYR A 264 14.59 -4.29 -18.68
N ARG A 265 14.00 -5.40 -19.11
CA ARG A 265 14.41 -6.70 -18.59
C ARG A 265 15.95 -6.92 -18.61
N GLY A 266 16.61 -6.40 -19.63
CA GLY A 266 18.06 -6.63 -19.81
C GLY A 266 18.85 -6.10 -18.64
N PHE A 267 18.36 -5.00 -18.05
CA PHE A 267 19.01 -4.39 -16.90
C PHE A 267 18.99 -5.32 -15.68
N ASP A 268 17.82 -5.89 -15.42
CA ASP A 268 17.61 -6.70 -14.20
C ASP A 268 18.54 -7.93 -14.29
N ILE A 269 18.58 -8.55 -15.49
CA ILE A 269 19.41 -9.74 -15.68
C ILE A 269 20.90 -9.39 -15.78
N GLY A 270 21.22 -8.46 -16.68
CA GLY A 270 22.58 -7.95 -16.81
C GLY A 270 23.16 -7.57 -15.45
N ASN A 271 22.41 -6.75 -14.70
CA ASN A 271 22.78 -6.30 -13.36
C ASN A 271 23.06 -7.50 -12.46
N HIS A 272 22.17 -8.47 -12.44
CA HIS A 272 22.46 -9.70 -11.68
C HIS A 272 23.77 -10.41 -12.05
N PHE A 273 24.04 -10.57 -13.37
CA PHE A 273 25.30 -11.15 -13.82
C PHE A 273 26.51 -10.35 -13.33
N CYS A 274 26.39 -9.02 -13.36
CA CYS A 274 27.47 -8.14 -12.86
C CYS A 274 27.78 -8.44 -11.41
N GLU A 275 26.75 -8.74 -10.64
CA GLU A 275 26.97 -8.97 -9.21
C GLU A 275 27.78 -10.25 -8.91
N TRP A 276 27.92 -11.18 -9.88
CA TRP A 276 28.77 -12.35 -9.67
C TRP A 276 30.20 -11.95 -9.32
N MET A 277 30.60 -10.77 -9.82
CA MET A 277 31.95 -10.29 -9.71
C MET A 277 32.31 -9.59 -8.41
N TYR A 278 31.33 -9.30 -7.55
CA TYR A 278 31.61 -8.46 -6.38
C TYR A 278 31.27 -9.13 -5.06
N ASP A 279 32.24 -9.13 -4.15
CA ASP A 279 32.08 -9.72 -2.83
C ASP A 279 32.12 -8.64 -1.79
N TYR A 280 30.97 -8.42 -1.13
CA TYR A 280 30.81 -7.28 -0.23
C TYR A 280 31.08 -7.64 1.25
N SER A 281 31.59 -8.85 1.50
CA SER A 281 31.90 -9.30 2.87
C SER A 281 33.36 -9.06 3.26
N TYR A 282 34.18 -8.61 2.31
CA TYR A 282 35.62 -8.41 2.53
C TYR A 282 35.88 -7.40 3.66
N GLU A 283 36.74 -7.75 4.61
CA GLU A 283 36.84 -7.00 5.87
C GLU A 283 37.88 -5.87 5.95
N LYS A 284 38.83 -5.85 5.03
CA LYS A 284 39.76 -4.74 4.96
C LYS A 284 39.24 -3.74 3.93
N TYR A 285 39.69 -2.49 4.01
CA TYR A 285 39.44 -1.47 2.99
C TYR A 285 39.86 -2.07 1.65
N PRO A 286 39.07 -1.82 0.57
CA PRO A 286 37.87 -0.97 0.48
C PRO A 286 36.55 -1.68 0.78
N PHE A 287 36.62 -2.87 1.37
CA PHE A 287 35.45 -3.59 1.91
C PHE A 287 34.63 -4.29 0.82
N PHE A 288 35.30 -4.58 -0.29
CA PHE A 288 34.75 -5.38 -1.34
C PHE A 288 35.92 -5.97 -2.11
N ARG A 289 35.67 -7.10 -2.76
CA ARG A 289 36.59 -7.73 -3.69
C ARG A 289 35.91 -7.77 -5.05
N ALA A 290 36.65 -7.37 -6.07
CA ALA A 290 36.14 -7.41 -7.45
C ALA A 290 37.03 -8.39 -8.22
N ASN A 291 36.41 -9.28 -8.99
CA ASN A 291 37.14 -10.24 -9.81
C ASN A 291 36.44 -10.35 -11.17
N ILE A 292 37.03 -9.70 -12.18
CA ILE A 292 36.49 -9.68 -13.53
C ILE A 292 36.28 -11.10 -14.08
N ARG A 293 37.02 -12.07 -13.53
CA ARG A 293 36.91 -13.44 -14.04
C ARG A 293 35.75 -14.26 -13.45
N LYS A 294 35.02 -13.68 -12.50
CA LYS A 294 33.87 -14.36 -11.88
C LYS A 294 32.55 -14.06 -12.56
N TYR A 295 32.58 -13.21 -13.59
CA TYR A 295 31.42 -12.98 -14.46
C TYR A 295 31.01 -14.32 -15.08
N PRO A 296 29.70 -14.62 -15.13
CA PRO A 296 29.33 -15.95 -15.64
C PRO A 296 29.82 -16.21 -17.06
N THR A 297 30.22 -17.45 -17.34
CA THR A 297 30.52 -17.92 -18.70
C THR A 297 29.24 -17.93 -19.54
N LYS A 298 29.41 -18.00 -20.86
CA LYS A 298 28.32 -18.23 -21.79
C LYS A 298 27.46 -19.39 -21.37
N LYS A 299 28.10 -20.49 -20.98
CA LYS A 299 27.36 -21.67 -20.55
C LYS A 299 26.56 -21.35 -19.29
N GLN A 300 27.20 -20.68 -18.33
CA GLN A 300 26.53 -20.21 -17.11
C GLN A 300 25.38 -19.22 -17.44
N GLN A 301 25.56 -18.41 -18.47
CA GLN A 301 24.54 -17.42 -18.80
C GLN A 301 23.36 -18.13 -19.44
N LEU A 302 23.67 -19.06 -20.36
CA LEU A 302 22.68 -19.87 -21.06
C LEU A 302 21.84 -20.69 -20.11
N HIS A 303 22.49 -21.31 -19.14
CA HIS A 303 21.78 -22.03 -18.09
C HIS A 303 20.80 -21.12 -17.34
N PHE A 304 21.22 -19.90 -17.00
CA PHE A 304 20.33 -18.90 -16.41
C PHE A 304 19.15 -18.54 -17.34
N ILE A 305 19.44 -18.18 -18.60
CA ILE A 305 18.33 -17.79 -19.46
C ILE A 305 17.44 -18.97 -19.91
N SER A 306 17.99 -20.20 -19.99
CA SER A 306 17.18 -21.41 -20.24
C SER A 306 16.19 -21.66 -19.13
N SER A 307 16.54 -21.27 -17.91
CA SER A 307 15.58 -21.37 -16.84
C SER A 307 14.61 -20.17 -16.83
N TYR A 308 15.12 -18.97 -17.12
CA TYR A 308 14.23 -17.80 -17.21
C TYR A 308 13.14 -17.92 -18.27
N LEU A 309 13.54 -18.28 -19.48
CA LEU A 309 12.63 -18.23 -20.62
C LEU A 309 11.29 -19.01 -20.49
N PRO A 310 11.32 -20.33 -20.13
CA PRO A 310 10.06 -21.07 -19.98
C PRO A 310 9.17 -20.56 -18.86
N ALA A 311 9.79 -19.99 -17.81
CA ALA A 311 9.06 -19.41 -16.68
C ALA A 311 8.36 -18.08 -17.01
N PHE A 312 8.76 -17.45 -18.11
CA PHE A 312 8.24 -16.12 -18.50
C PHE A 312 7.42 -16.17 -19.78
N GLN A 313 7.57 -17.25 -20.55
CA GLN A 313 6.89 -17.38 -21.84
C GLN A 313 5.90 -18.54 -21.85
N ASN A 314 6.07 -19.46 -20.90
CA ASN A 314 5.06 -20.48 -20.54
C ASN A 314 4.97 -21.70 -21.47
N ASP A 315 5.02 -21.49 -22.78
CA ASP A 315 5.07 -22.59 -23.74
C ASP A 315 6.29 -22.45 -24.67
N PHE A 316 7.31 -21.78 -24.15
CA PHE A 316 8.57 -21.57 -24.84
C PHE A 316 9.25 -22.88 -25.30
N GLU A 317 9.15 -23.94 -24.49
CA GLU A 317 9.82 -25.22 -24.81
C GLU A 317 9.26 -25.84 -26.09
N ASN A 318 8.02 -25.49 -26.43
CA ASN A 318 7.36 -26.03 -27.62
C ASN A 318 7.57 -25.24 -28.91
N LEU A 319 8.70 -24.54 -28.98
CA LEU A 319 9.13 -23.87 -30.22
C LEU A 319 10.22 -24.71 -30.90
N SER A 320 10.42 -24.46 -32.19
CA SER A 320 11.47 -25.16 -32.94
C SER A 320 12.84 -24.82 -32.35
N THR A 321 13.73 -25.81 -32.36
CA THR A 321 15.06 -25.63 -31.76
C THR A 321 15.80 -24.41 -32.33
N GLU A 322 15.74 -24.21 -33.65
CA GLU A 322 16.38 -23.03 -34.23
C GLU A 322 15.76 -21.70 -33.79
N GLU A 323 14.47 -21.71 -33.45
CA GLU A 323 13.84 -20.49 -32.96
C GLU A 323 14.16 -20.22 -31.49
N LYS A 324 14.15 -21.26 -30.67
CA LYS A 324 14.64 -21.18 -29.27
C LYS A 324 16.05 -20.61 -29.24
N SER A 325 16.90 -21.15 -30.10
CA SER A 325 18.29 -20.74 -30.21
C SER A 325 18.46 -19.28 -30.61
N ILE A 326 17.72 -18.83 -31.63
CA ILE A 326 17.74 -17.43 -32.04
C ILE A 326 17.33 -16.49 -30.89
N ILE A 327 16.27 -16.87 -30.17
CA ILE A 327 15.82 -16.12 -28.99
C ILE A 327 16.89 -16.05 -27.91
N LYS A 328 17.50 -17.20 -27.64
CA LYS A 328 18.54 -17.27 -26.63
C LYS A 328 19.79 -16.47 -26.98
N GLU A 329 20.27 -16.55 -28.22
CA GLU A 329 21.46 -15.80 -28.65
C GLU A 329 21.21 -14.28 -28.60
N GLU A 330 20.03 -13.87 -29.04
CA GLU A 330 19.65 -12.47 -28.97
C GLU A 330 19.52 -11.96 -27.50
N MET A 331 18.93 -12.77 -26.62
CA MET A 331 18.79 -12.40 -25.22
C MET A 331 20.14 -12.28 -24.52
N LEU A 332 21.10 -13.14 -24.88
CA LEU A 332 22.47 -13.00 -24.40
C LEU A 332 23.09 -11.65 -24.79
N LEU A 333 22.99 -11.27 -26.06
CA LEU A 333 23.45 -9.95 -26.53
C LEU A 333 22.74 -8.85 -25.75
N GLU A 334 21.41 -8.96 -25.67
CA GLU A 334 20.60 -8.06 -24.88
C GLU A 334 21.09 -7.84 -23.41
N VAL A 335 21.22 -8.89 -22.61
CA VAL A 335 21.59 -8.73 -21.19
C VAL A 335 23.05 -8.29 -21.05
N ASN A 336 23.87 -8.63 -22.04
CA ASN A 336 25.27 -8.27 -21.95
C ASN A 336 25.50 -6.82 -22.31
N ARG A 337 24.67 -6.27 -23.19
CA ARG A 337 24.76 -4.83 -23.47
C ARG A 337 24.19 -4.02 -22.31
N PHE A 338 23.11 -4.50 -21.70
CA PHE A 338 22.55 -3.78 -20.55
C PHE A 338 23.42 -3.92 -19.31
N ALA A 339 24.18 -5.00 -19.21
CA ALA A 339 25.15 -5.12 -18.12
C ALA A 339 26.02 -3.88 -18.08
N LEU A 340 26.32 -3.33 -19.24
CA LEU A 340 27.08 -2.07 -19.34
C LEU A 340 26.41 -0.92 -18.59
N ALA A 341 25.09 -0.84 -18.68
CA ALA A 341 24.35 0.15 -17.92
C ALA A 341 24.37 -0.13 -16.40
N SER A 342 24.50 -1.40 -16.01
CA SER A 342 24.71 -1.69 -14.58
C SER A 342 26.04 -1.09 -14.08
N HIS A 343 27.12 -1.30 -14.85
CA HIS A 343 28.42 -0.68 -14.49
C HIS A 343 28.38 0.84 -14.47
N PHE A 344 27.88 1.46 -15.54
CA PHE A 344 27.86 2.93 -15.64
C PHE A 344 27.03 3.56 -14.53
N LEU A 345 25.79 3.06 -14.37
CA LEU A 345 24.87 3.53 -13.32
C LEU A 345 25.39 3.38 -11.88
N TRP A 346 25.93 2.21 -11.50
CA TRP A 346 26.38 2.05 -10.13
C TRP A 346 27.78 2.64 -9.93
N GLY A 347 28.55 2.77 -11.01
CA GLY A 347 29.73 3.61 -11.00
C GLY A 347 29.42 5.05 -10.57
N LEU A 348 28.44 5.67 -11.23
CA LEU A 348 28.05 7.05 -10.94
C LEU A 348 27.48 7.17 -9.52
N TRP A 349 26.58 6.25 -9.17
CA TRP A 349 26.01 6.19 -7.84
C TRP A 349 27.14 6.19 -6.77
N SER A 350 28.14 5.37 -7.00
CA SER A 350 29.19 5.15 -6.01
C SER A 350 30.04 6.43 -5.77
N ILE A 351 30.31 7.17 -6.83
CA ILE A 351 30.95 8.48 -6.76
C ILE A 351 30.10 9.41 -5.89
N VAL A 352 28.79 9.45 -6.14
CA VAL A 352 27.90 10.25 -5.34
C VAL A 352 27.91 9.81 -3.85
N GLN A 353 27.98 8.49 -3.59
CA GLN A 353 28.00 7.99 -2.23
C GLN A 353 29.26 8.43 -1.49
N ALA A 354 30.40 8.45 -2.19
CA ALA A 354 31.64 8.95 -1.59
C ALA A 354 31.46 10.36 -1.05
N LYS A 355 30.69 11.20 -1.74
CA LYS A 355 30.40 12.53 -1.23
C LYS A 355 29.38 12.57 -0.07
N ILE A 356 28.25 11.87 -0.19
CA ILE A 356 27.14 12.05 0.76
C ILE A 356 27.02 11.00 1.85
N SER A 357 27.61 9.83 1.65
CA SER A 357 27.48 8.77 2.66
C SER A 357 28.59 8.89 3.68
N SER A 358 28.33 8.44 4.91
CA SER A 358 29.40 8.36 5.90
C SER A 358 29.68 6.90 6.33
N ILE A 359 29.21 5.94 5.51
CA ILE A 359 29.43 4.50 5.72
C ILE A 359 30.89 4.12 5.44
N GLU A 360 31.42 3.17 6.19
CA GLU A 360 32.78 2.71 5.93
C GLU A 360 32.79 1.72 4.77
N PHE A 361 33.04 2.25 3.57
CA PHE A 361 33.08 1.47 2.35
C PHE A 361 33.89 2.30 1.38
N GLY A 362 34.75 1.65 0.60
CA GLY A 362 35.61 2.34 -0.35
C GLY A 362 34.88 2.69 -1.64
N TYR A 363 33.98 3.67 -1.57
CA TYR A 363 33.13 4.07 -2.69
C TYR A 363 33.85 4.46 -3.98
N MET A 364 34.89 5.30 -3.87
CA MET A 364 35.67 5.67 -5.04
C MET A 364 36.32 4.47 -5.73
N ASP A 365 36.86 3.55 -4.92
CA ASP A 365 37.48 2.33 -5.44
C ASP A 365 36.43 1.43 -6.07
N TYR A 366 35.23 1.41 -5.49
CA TYR A 366 34.15 0.65 -6.09
C TYR A 366 33.76 1.27 -7.45
N ALA A 367 33.63 2.60 -7.49
CA ALA A 367 33.42 3.32 -8.75
C ALA A 367 34.46 2.95 -9.84
N GLN A 368 35.74 3.00 -9.51
CA GLN A 368 36.80 2.65 -10.45
C GLN A 368 36.70 1.18 -10.93
N ALA A 369 36.37 0.27 -10.03
CA ALA A 369 36.15 -1.13 -10.40
C ALA A 369 34.97 -1.29 -11.40
N ARG A 370 33.89 -0.54 -11.18
CA ARG A 370 32.71 -0.62 -12.07
C ARG A 370 33.03 -0.07 -13.45
N PHE A 371 33.87 0.97 -13.51
CA PHE A 371 34.25 1.54 -14.79
C PHE A 371 35.28 0.70 -15.51
N ASP A 372 36.23 0.15 -14.77
CA ASP A 372 37.11 -0.88 -15.33
C ASP A 372 36.32 -2.00 -15.99
N ALA A 373 35.37 -2.59 -15.24
CA ALA A 373 34.52 -3.64 -15.78
C ALA A 373 33.75 -3.14 -17.01
N TYR A 374 33.32 -1.88 -16.97
CA TYR A 374 32.55 -1.27 -18.07
C TYR A 374 33.32 -1.34 -19.38
N PHE A 375 34.58 -0.89 -19.35
CA PHE A 375 35.40 -0.82 -20.57
C PHE A 375 35.88 -2.20 -20.98
N HIS A 376 36.18 -3.05 -20.01
CA HIS A 376 36.48 -4.45 -20.32
C HIS A 376 35.29 -5.12 -21.00
N GLN A 377 34.08 -4.92 -20.48
CA GLN A 377 32.86 -5.41 -21.15
C GLN A 377 32.68 -4.87 -22.59
N LYS A 378 32.97 -3.59 -22.80
CA LYS A 378 32.83 -2.94 -24.13
C LYS A 378 33.73 -3.55 -25.19
N ARG A 379 35.00 -3.72 -24.84
CA ARG A 379 36.00 -4.43 -25.63
C ARG A 379 35.62 -5.87 -25.95
N LYS A 380 35.09 -6.59 -24.95
CA LYS A 380 34.56 -7.94 -25.14
C LYS A 380 33.46 -7.99 -26.20
N LEU A 381 32.52 -7.05 -26.13
CA LEU A 381 31.39 -7.03 -27.04
C LEU A 381 31.79 -6.44 -28.38
N GLY A 382 32.96 -5.83 -28.44
CA GLY A 382 33.40 -5.17 -29.67
C GLY A 382 32.65 -3.88 -29.93
N VAL A 383 32.12 -3.29 -28.85
CA VAL A 383 31.57 -1.94 -28.84
C VAL A 383 32.45 -1.12 -27.92
N GLN B 8 -17.61 18.53 -17.39
CA GLN B 8 -16.18 18.53 -17.84
C GLN B 8 -15.23 19.06 -16.75
N PRO B 9 -13.93 18.68 -16.84
CA PRO B 9 -12.96 19.16 -15.84
C PRO B 9 -12.09 20.34 -16.30
N GLU B 10 -11.32 20.90 -15.36
CA GLU B 10 -10.32 21.93 -15.62
C GLU B 10 -9.31 21.45 -16.66
N PRO B 11 -9.00 22.28 -17.68
CA PRO B 11 -8.14 21.85 -18.79
C PRO B 11 -6.76 21.36 -18.33
N ARG B 12 -6.32 21.85 -17.16
CA ARG B 12 -5.09 21.40 -16.51
C ARG B 12 -5.28 20.01 -15.93
N THR B 13 -6.42 19.78 -15.27
CA THR B 13 -6.75 18.48 -14.71
C THR B 13 -6.93 17.48 -15.86
N ARG B 14 -7.55 17.92 -16.96
CA ARG B 14 -7.65 17.10 -18.15
C ARG B 14 -6.28 16.62 -18.61
N ARG B 15 -5.34 17.56 -18.73
CA ARG B 15 -3.98 17.23 -19.17
C ARG B 15 -3.26 16.26 -18.22
N ARG B 16 -3.30 16.54 -16.92
CA ARG B 16 -2.66 15.66 -15.94
C ARG B 16 -3.23 14.24 -16.07
N ALA B 17 -4.55 14.15 -15.99
CA ALA B 17 -5.29 12.90 -16.13
C ALA B 17 -4.94 12.12 -17.41
N TYR B 18 -4.82 12.82 -18.53
CA TYR B 18 -4.44 12.17 -19.76
C TYR B 18 -3.08 11.46 -19.65
N LEU B 19 -2.12 12.07 -18.95
CA LEU B 19 -0.76 11.50 -18.88
C LEU B 19 -0.72 10.28 -17.97
N TRP B 20 -1.44 10.38 -16.86
CA TRP B 20 -1.58 9.28 -15.90
C TRP B 20 -2.14 8.03 -16.57
N CYS B 21 -3.22 8.16 -17.32
CA CYS B 21 -3.81 7.02 -18.00
C CYS B 21 -2.84 6.45 -19.01
N LYS B 22 -2.20 7.34 -19.74
CA LYS B 22 -1.32 6.95 -20.84
C LYS B 22 -0.09 6.18 -20.32
N GLU B 23 0.41 6.62 -19.17
CA GLU B 23 1.67 6.06 -18.65
C GLU B 23 1.48 4.91 -17.66
N PHE B 24 0.32 4.83 -17.02
CA PHE B 24 0.10 3.81 -16.00
C PHE B 24 -0.63 2.58 -16.52
N LEU B 25 -1.37 2.75 -17.59
CA LEU B 25 -2.25 1.70 -18.08
C LEU B 25 -1.67 1.05 -19.34
N PRO B 26 -1.89 -0.27 -19.49
CA PRO B 26 -1.39 -1.07 -20.62
C PRO B 26 -2.19 -0.87 -21.92
N GLY B 27 -1.72 -1.52 -23.00
CA GLY B 27 -2.45 -1.61 -24.27
C GLY B 27 -2.76 -0.28 -24.93
N ALA B 28 -3.90 -0.22 -25.60
CA ALA B 28 -4.32 0.95 -26.37
C ALA B 28 -4.21 2.30 -25.65
N TRP B 29 -4.04 2.27 -24.32
CA TRP B 29 -3.82 3.49 -23.52
C TRP B 29 -2.43 4.06 -23.80
N ARG B 30 -1.44 3.17 -23.91
CA ARG B 30 -0.03 3.53 -24.11
C ARG B 30 0.23 4.42 -25.34
N GLY B 31 -0.65 4.32 -26.36
CA GLY B 31 -0.54 5.11 -27.59
C GLY B 31 -1.77 5.96 -27.85
N LEU B 32 -2.45 6.39 -26.78
CA LEU B 32 -3.56 7.33 -26.90
C LEU B 32 -3.01 8.73 -27.21
N ARG B 33 -3.65 9.43 -28.14
CA ARG B 33 -3.03 10.63 -28.72
C ARG B 33 -3.21 11.93 -27.92
N GLU B 34 -4.35 12.13 -27.29
CA GLU B 34 -4.55 13.31 -26.42
C GLU B 34 -5.88 13.99 -26.66
N ASP B 35 -6.14 14.27 -27.93
CA ASP B 35 -7.45 14.71 -28.39
C ASP B 35 -8.40 13.53 -28.23
N GLU B 36 -7.83 12.33 -28.06
CA GLU B 36 -8.60 11.08 -27.96
C GLU B 36 -9.16 10.78 -26.55
N PHE B 37 -8.59 11.44 -25.55
CA PHE B 37 -8.91 11.14 -24.15
C PHE B 37 -10.30 11.61 -23.74
N HIS B 38 -11.15 10.68 -23.32
CA HIS B 38 -12.47 11.03 -22.79
C HIS B 38 -12.45 11.05 -21.26
N ILE B 39 -13.01 12.11 -20.69
CA ILE B 39 -12.99 12.31 -19.25
C ILE B 39 -14.06 13.29 -18.80
N SER B 40 -14.84 12.87 -17.81
CA SER B 40 -15.90 13.71 -17.25
C SER B 40 -15.95 13.59 -15.72
N VAL B 41 -16.39 14.65 -15.05
CA VAL B 41 -16.40 14.70 -13.58
C VAL B 41 -17.55 13.82 -13.07
N ILE B 42 -17.36 13.17 -11.92
CA ILE B 42 -18.40 12.27 -11.43
C ILE B 42 -18.68 12.46 -9.93
N ARG B 43 -17.84 13.26 -9.27
CA ARG B 43 -18.00 13.57 -7.84
C ARG B 43 -16.94 14.59 -7.39
N GLY B 44 -17.01 15.00 -6.13
CA GLY B 44 -15.97 15.84 -5.52
C GLY B 44 -16.50 17.10 -4.85
N ASN B 48 -11.58 15.99 -3.05
CA ASN B 48 -11.56 14.54 -3.04
C ASN B 48 -12.15 13.94 -4.34
N MET B 49 -11.90 14.64 -5.45
CA MET B 49 -12.60 14.47 -6.73
C MET B 49 -12.50 13.12 -7.46
N LEU B 50 -13.64 12.67 -7.99
CA LEU B 50 -13.74 11.47 -8.85
C LEU B 50 -13.99 11.88 -10.30
N PHE B 51 -13.60 11.02 -11.24
CA PHE B 51 -13.70 11.27 -12.69
C PHE B 51 -13.72 9.95 -13.41
N GLN B 52 -14.40 9.92 -14.55
CA GLN B 52 -14.35 8.74 -15.41
C GLN B 52 -13.48 9.01 -16.62
N CYS B 53 -12.53 8.11 -16.84
CA CYS B 53 -11.63 8.17 -17.99
C CYS B 53 -11.88 6.97 -18.88
N SER B 54 -11.93 7.19 -20.18
CA SER B 54 -12.18 6.09 -21.11
C SER B 54 -11.56 6.30 -22.49
N LEU B 55 -11.33 5.18 -23.16
CA LEU B 55 -11.03 5.15 -24.58
C LEU B 55 -12.29 5.63 -25.32
N PRO B 56 -12.13 6.16 -26.55
CA PRO B 56 -13.32 6.36 -27.37
C PRO B 56 -13.85 5.00 -27.84
N ASP B 57 -15.14 4.96 -28.18
CA ASP B 57 -15.78 3.75 -28.69
C ASP B 57 -15.03 3.13 -29.87
N THR B 58 -14.47 3.99 -30.72
CA THR B 58 -13.70 3.61 -31.91
C THR B 58 -12.48 2.77 -31.58
N THR B 59 -11.81 3.08 -30.47
CA THR B 59 -10.57 2.41 -30.10
C THR B 59 -10.80 0.98 -29.58
N ALA B 60 -10.24 0.02 -30.31
CA ALA B 60 -10.32 -1.39 -29.94
C ALA B 60 -9.21 -1.69 -28.96
N THR B 61 -9.48 -2.63 -28.06
CA THR B 61 -8.49 -3.03 -27.08
C THR B 61 -7.51 -4.04 -27.67
N LEU B 62 -6.31 -4.02 -27.12
CA LEU B 62 -5.27 -4.98 -27.37
C LEU B 62 -5.47 -6.13 -26.44
N GLY B 63 -6.52 -6.00 -25.62
CA GLY B 63 -7.03 -7.02 -24.71
C GLY B 63 -6.57 -6.97 -23.27
N ASP B 64 -7.43 -7.40 -22.33
CA ASP B 64 -7.02 -7.42 -20.92
C ASP B 64 -6.92 -6.05 -20.24
N GLU B 65 -6.94 -4.96 -21.01
CA GLU B 65 -6.91 -3.61 -20.43
C GLU B 65 -8.32 -3.00 -20.31
N PRO B 66 -8.59 -2.28 -19.21
CA PRO B 66 -9.94 -1.74 -19.06
C PRO B 66 -10.26 -0.65 -20.08
N ARG B 67 -11.48 -0.64 -20.57
CA ARG B 67 -11.94 0.40 -21.49
C ARG B 67 -12.37 1.65 -20.71
N LYS B 68 -12.83 1.44 -19.47
CA LYS B 68 -13.24 2.52 -18.57
C LYS B 68 -12.44 2.42 -17.28
N VAL B 69 -12.04 3.56 -16.71
CA VAL B 69 -11.41 3.59 -15.37
C VAL B 69 -11.84 4.81 -14.54
N LEU B 70 -11.69 4.68 -13.23
CA LEU B 70 -11.99 5.78 -12.35
C LEU B 70 -10.70 6.46 -11.91
N LEU B 71 -10.65 7.78 -12.00
CA LEU B 71 -9.53 8.55 -11.46
C LEU B 71 -9.97 9.29 -10.21
N ARG B 72 -9.19 9.15 -9.15
CA ARG B 72 -9.48 9.78 -7.88
C ARG B 72 -8.34 10.71 -7.52
N LEU B 73 -8.67 11.96 -7.19
CA LEU B 73 -7.67 12.95 -6.77
C LEU B 73 -7.88 13.38 -5.32
N TYR B 74 -6.84 13.24 -4.50
CA TYR B 74 -6.97 13.55 -3.06
C TYR B 74 -7.36 15.02 -2.74
N GLY B 75 -6.80 15.98 -3.46
CA GLY B 75 -7.13 17.40 -3.26
C GLY B 75 -6.80 17.88 -1.86
N ALA B 76 -7.67 18.70 -1.27
CA ALA B 76 -7.47 19.23 0.09
C ALA B 76 -7.79 18.19 1.15
N GLU B 101 1.40 9.48 7.99
CA GLU B 101 0.93 10.05 6.74
C GLU B 101 -0.36 9.35 6.23
N ALA B 102 -1.41 10.14 5.95
CA ALA B 102 -2.76 9.61 5.67
C ALA B 102 -2.87 8.89 4.32
N MET B 103 -2.12 9.39 3.34
CA MET B 103 -2.13 8.85 1.97
CA MET B 103 -2.15 8.84 1.99
C MET B 103 -1.46 7.48 1.93
N VAL B 104 -0.35 7.33 2.66
CA VAL B 104 0.34 6.03 2.81
C VAL B 104 -0.60 4.93 3.34
N LEU B 105 -1.36 5.26 4.37
CA LEU B 105 -2.24 4.30 4.99
C LEU B 105 -3.40 3.98 4.08
N GLU B 106 -4.08 5.01 3.58
CA GLU B 106 -5.17 4.83 2.63
C GLU B 106 -4.73 4.05 1.39
N SER B 107 -3.50 4.29 0.93
CA SER B 107 -3.00 3.63 -0.27
C SER B 107 -2.71 2.15 -0.06
N VAL B 108 -2.04 1.85 1.06
CA VAL B 108 -1.79 0.46 1.43
C VAL B 108 -3.12 -0.28 1.61
N MET B 109 -4.08 0.43 2.18
CA MET B 109 -5.35 -0.15 2.48
C MET B 109 -6.10 -0.52 1.22
N PHE B 110 -6.18 0.41 0.28
CA PHE B 110 -6.87 0.17 -0.97
C PHE B 110 -6.21 -0.97 -1.75
N ALA B 111 -4.88 -0.99 -1.73
CA ALA B 111 -4.12 -2.04 -2.41
C ALA B 111 -4.40 -3.44 -1.86
N ILE B 112 -4.48 -3.53 -0.51
CA ILE B 112 -4.85 -4.79 0.16
C ILE B 112 -6.27 -5.26 -0.22
N LEU B 113 -7.25 -4.37 -0.17
CA LEU B 113 -8.61 -4.76 -0.53
C LEU B 113 -8.72 -5.20 -2.00
N ALA B 114 -7.93 -4.58 -2.87
CA ALA B 114 -7.91 -4.97 -4.29
C ALA B 114 -7.31 -6.36 -4.43
N GLU B 115 -6.19 -6.60 -3.77
CA GLU B 115 -5.54 -7.91 -3.81
C GLU B 115 -6.44 -9.02 -3.28
N ARG B 116 -7.24 -8.70 -2.26
CA ARG B 116 -8.10 -9.69 -1.62
C ARG B 116 -9.41 -9.86 -2.39
N SER B 117 -9.57 -9.13 -3.50
CA SER B 117 -10.85 -9.06 -4.25
C SER B 117 -12.00 -8.45 -3.45
N LEU B 118 -11.69 -7.60 -2.48
CA LEU B 118 -12.77 -7.02 -1.68
C LEU B 118 -13.17 -5.63 -2.16
N GLY B 119 -12.25 -4.91 -2.80
CA GLY B 119 -12.49 -3.56 -3.30
C GLY B 119 -12.21 -3.51 -4.80
N PRO B 120 -12.36 -2.30 -5.41
CA PRO B 120 -12.03 -2.22 -6.83
C PRO B 120 -10.54 -2.49 -7.06
N LYS B 121 -10.20 -3.02 -8.21
CA LYS B 121 -8.79 -3.20 -8.61
C LYS B 121 -7.99 -1.89 -8.59
N LEU B 122 -6.71 -2.00 -8.29
CA LEU B 122 -5.86 -0.80 -8.28
C LEU B 122 -4.97 -0.76 -9.54
N TYR B 123 -5.16 0.22 -10.42
CA TYR B 123 -4.42 0.25 -11.68
C TYR B 123 -3.25 1.23 -11.68
N GLY B 124 -3.30 2.24 -10.84
CA GLY B 124 -2.24 3.21 -10.83
C GLY B 124 -2.26 3.91 -9.52
N ILE B 125 -1.09 4.22 -9.00
CA ILE B 125 -0.99 4.95 -7.75
C ILE B 125 0.12 5.98 -7.91
N PHE B 126 -0.14 7.22 -7.50
CA PHE B 126 0.78 8.34 -7.71
C PHE B 126 0.48 9.44 -6.66
N PRO B 127 1.29 10.52 -6.63
CA PRO B 127 1.25 11.45 -5.49
C PRO B 127 -0.11 12.14 -5.31
N GLN B 128 -0.73 12.58 -6.41
CA GLN B 128 -1.98 13.34 -6.35
C GLN B 128 -3.24 12.46 -6.28
N GLY B 129 -3.09 11.16 -6.48
CA GLY B 129 -4.27 10.28 -6.52
C GLY B 129 -4.04 8.91 -7.09
N ARG B 130 -5.06 8.36 -7.74
CA ARG B 130 -4.98 6.98 -8.23
C ARG B 130 -5.98 6.64 -9.32
N LEU B 131 -5.65 5.59 -10.09
CA LEU B 131 -6.59 5.02 -11.04
C LEU B 131 -7.11 3.71 -10.47
N GLU B 132 -8.42 3.51 -10.56
CA GLU B 132 -9.14 2.37 -10.03
C GLU B 132 -10.04 1.74 -11.07
N GLN B 133 -10.37 0.47 -10.87
CA GLN B 133 -11.34 -0.21 -11.70
C GLN B 133 -12.68 0.48 -11.58
N PHE B 134 -13.33 0.67 -12.72
CA PHE B 134 -14.70 1.15 -12.75
C PHE B 134 -15.61 -0.06 -12.62
N ILE B 135 -16.48 -0.06 -11.61
CA ILE B 135 -17.39 -1.18 -11.39
C ILE B 135 -18.76 -0.80 -11.93
N PRO B 136 -19.22 -1.51 -12.97
CA PRO B 136 -20.58 -1.23 -13.49
C PRO B 136 -21.59 -1.49 -12.37
N SER B 137 -22.27 -0.43 -11.95
CA SER B 137 -23.07 -0.45 -10.71
C SER B 137 -23.82 0.86 -10.56
N ARG B 138 -24.76 0.89 -9.60
CA ARG B 138 -25.29 2.17 -9.10
C ARG B 138 -25.26 2.17 -7.58
N ARG B 139 -25.36 3.35 -6.97
CA ARG B 139 -25.43 3.45 -5.53
C ARG B 139 -26.80 3.03 -5.04
N LEU B 140 -26.90 2.54 -3.81
CA LEU B 140 -28.22 2.33 -3.22
C LEU B 140 -28.89 3.68 -2.87
N ASP B 141 -30.22 3.71 -2.85
CA ASP B 141 -30.95 4.86 -2.29
C ASP B 141 -31.24 4.55 -0.81
N THR B 142 -31.46 5.60 -0.01
CA THR B 142 -31.72 5.47 1.44
C THR B 142 -32.81 4.43 1.74
N GLU B 143 -33.90 4.47 0.96
CA GLU B 143 -35.07 3.58 1.13
C GLU B 143 -34.70 2.10 1.00
N GLU B 144 -33.65 1.82 0.23
CA GLU B 144 -33.24 0.44 -0.03
C GLU B 144 -32.50 -0.22 1.14
N LEU B 145 -31.94 0.58 2.04
CA LEU B 145 -31.23 0.06 3.21
C LEU B 145 -32.02 -0.92 4.04
N SER B 146 -33.35 -0.79 4.00
CA SER B 146 -34.25 -1.52 4.90
C SER B 146 -34.89 -2.75 4.29
N LEU B 147 -34.75 -2.91 2.97
CA LEU B 147 -35.12 -4.15 2.33
C LEU B 147 -34.34 -5.28 3.00
N PRO B 148 -35.06 -6.32 3.45
CA PRO B 148 -34.51 -7.46 4.15
C PRO B 148 -33.29 -8.09 3.51
N ASP B 149 -33.32 -8.30 2.20
CA ASP B 149 -32.19 -8.93 1.50
C ASP B 149 -30.97 -8.01 1.45
N ILE B 150 -31.21 -6.73 1.14
CA ILE B 150 -30.18 -5.69 1.15
C ILE B 150 -29.55 -5.59 2.54
N SER B 151 -30.39 -5.45 3.55
CA SER B 151 -29.96 -5.32 4.95
C SER B 151 -29.16 -6.55 5.36
N ALA B 152 -29.74 -7.74 5.14
CA ALA B 152 -29.03 -9.00 5.40
C ALA B 152 -27.66 -9.01 4.78
N GLU B 153 -27.53 -8.50 3.55
CA GLU B 153 -26.22 -8.58 2.87
C GLU B 153 -25.23 -7.52 3.35
N ILE B 154 -25.74 -6.33 3.66
CA ILE B 154 -24.93 -5.27 4.21
C ILE B 154 -24.31 -5.79 5.51
N ALA B 155 -25.12 -6.43 6.34
CA ALA B 155 -24.64 -7.01 7.59
C ALA B 155 -23.54 -8.08 7.36
N GLU B 156 -23.76 -8.97 6.40
CA GLU B 156 -22.76 -9.99 6.06
C GLU B 156 -21.43 -9.38 5.52
N LYS B 157 -21.52 -8.42 4.60
CA LYS B 157 -20.29 -7.72 4.11
C LYS B 157 -19.54 -6.99 5.23
N MET B 158 -20.29 -6.26 6.06
CA MET B 158 -19.70 -5.63 7.22
C MET B 158 -18.99 -6.60 8.18
N ALA B 159 -19.66 -7.68 8.57
CA ALA B 159 -19.02 -8.76 9.33
C ALA B 159 -17.70 -9.21 8.71
N THR B 160 -17.70 -9.46 7.40
CA THR B 160 -16.50 -9.88 6.65
C THR B 160 -15.41 -8.82 6.68
N PHE B 161 -15.75 -7.57 6.38
CA PHE B 161 -14.85 -6.41 6.53
C PHE B 161 -14.26 -6.37 7.95
N HIS B 162 -15.10 -6.58 8.98
CA HIS B 162 -14.65 -6.53 10.37
C HIS B 162 -13.61 -7.61 10.76
N GLY B 163 -13.77 -8.81 10.20
CA GLY B 163 -12.86 -9.93 10.52
C GLY B 163 -11.45 -9.81 9.96
N MET B 164 -11.25 -8.89 9.01
CA MET B 164 -9.99 -8.90 8.32
C MET B 164 -8.83 -8.20 9.04
N LYS B 165 -7.64 -8.71 8.76
CA LYS B 165 -6.44 -8.25 9.44
C LYS B 165 -5.83 -7.20 8.55
N MET B 166 -5.43 -6.09 9.16
CA MET B 166 -4.87 -4.99 8.42
C MET B 166 -3.64 -4.52 9.20
N PRO B 167 -2.59 -4.04 8.51
CA PRO B 167 -1.36 -3.68 9.21
C PRO B 167 -1.47 -2.33 9.91
N PHE B 168 -2.59 -2.08 10.60
CA PHE B 168 -2.80 -0.78 11.25
C PHE B 168 -2.92 -0.89 12.78
N ASN B 169 -2.89 0.25 13.45
CA ASN B 169 -2.89 0.31 14.89
C ASN B 169 -4.18 -0.28 15.43
N LYS B 170 -4.07 -1.22 16.36
CA LYS B 170 -5.25 -1.88 16.88
C LYS B 170 -5.80 -1.28 18.18
N GLU B 171 -5.18 -0.23 18.69
CA GLU B 171 -5.75 0.44 19.87
C GLU B 171 -6.91 1.25 19.36
N PRO B 172 -8.09 1.07 19.97
CA PRO B 172 -9.30 1.74 19.47
C PRO B 172 -9.38 3.22 19.88
N LYS B 173 -8.33 3.98 19.58
CA LYS B 173 -8.28 5.40 20.00
C LYS B 173 -8.95 6.34 19.00
N TRP B 174 -9.32 5.83 17.82
CA TRP B 174 -10.01 6.60 16.79
C TRP B 174 -11.27 7.36 17.24
N LEU B 175 -12.19 6.65 17.87
CA LEU B 175 -13.50 7.20 18.18
C LEU B 175 -13.43 8.46 19.06
N PHE B 176 -12.87 8.35 20.25
CA PHE B 176 -12.78 9.48 21.15
C PHE B 176 -11.65 10.47 20.83
N GLY B 177 -10.60 9.99 20.18
CA GLY B 177 -9.56 10.89 19.67
C GLY B 177 -10.14 11.84 18.64
N THR B 178 -10.94 11.31 17.70
CA THR B 178 -11.60 12.17 16.73
C THR B 178 -12.68 13.05 17.35
N MET B 179 -13.49 12.52 18.27
CA MET B 179 -14.48 13.38 18.92
C MET B 179 -13.84 14.54 19.67
N GLU B 180 -12.72 14.28 20.35
CA GLU B 180 -11.97 15.32 21.08
C GLU B 180 -11.45 16.40 20.11
N LYS B 181 -10.84 15.95 19.02
CA LYS B 181 -10.25 16.86 18.04
C LYS B 181 -11.34 17.75 17.43
N TYR B 182 -12.49 17.19 17.11
CA TYR B 182 -13.55 18.04 16.55
C TYR B 182 -14.16 18.97 17.60
N LEU B 183 -14.37 18.47 18.81
CA LEU B 183 -14.93 19.27 19.88
C LEU B 183 -14.07 20.51 20.14
N LYS B 184 -12.74 20.33 20.15
CA LYS B 184 -11.81 21.43 20.38
C LYS B 184 -11.96 22.48 19.28
N GLU B 185 -12.00 22.03 18.03
CA GLU B 185 -12.12 22.96 16.90
C GLU B 185 -13.47 23.71 16.94
N VAL B 186 -14.54 22.97 17.24
CA VAL B 186 -15.86 23.52 17.36
C VAL B 186 -15.92 24.64 18.39
N LEU B 187 -15.27 24.44 19.55
CA LEU B 187 -15.24 25.48 20.58
C LEU B 187 -14.49 26.75 20.17
N ARG B 188 -13.52 26.65 19.25
CA ARG B 188 -12.77 27.83 18.78
C ARG B 188 -13.44 28.51 17.59
N ILE B 189 -14.31 27.79 16.91
CA ILE B 189 -14.81 28.22 15.60
C ILE B 189 -15.57 29.57 15.70
N LYS B 190 -15.31 30.45 14.74
CA LYS B 190 -16.10 31.67 14.64
C LYS B 190 -16.56 31.88 13.19
N PHE B 191 -17.85 32.15 13.02
CA PHE B 191 -18.42 32.33 11.69
C PHE B 191 -18.55 33.82 11.43
N THR B 192 -18.53 34.25 10.16
CA THR B 192 -18.76 35.67 9.87
C THR B 192 -20.25 36.01 9.81
N GLU B 193 -21.02 35.16 9.17
CA GLU B 193 -22.48 35.34 9.01
C GLU B 193 -23.31 35.10 10.28
N GLU B 194 -24.32 35.94 10.46
CA GLU B 194 -25.01 36.05 11.72
C GLU B 194 -25.83 34.79 12.02
N SER B 195 -26.44 34.22 11.00
CA SER B 195 -27.35 33.12 11.24
C SER B 195 -26.57 31.85 11.61
N ARG B 196 -25.32 31.77 11.17
CA ARG B 196 -24.45 30.66 11.54
C ARG B 196 -23.96 30.80 12.97
N ILE B 197 -23.57 32.02 13.33
CA ILE B 197 -23.31 32.41 14.72
C ILE B 197 -24.48 32.04 15.64
N LYS B 198 -25.70 32.32 15.20
CA LYS B 198 -26.88 32.03 16.00
C LYS B 198 -27.09 30.51 16.19
N LYS B 199 -27.01 29.72 15.10
CA LYS B 199 -27.09 28.25 15.23
C LYS B 199 -25.97 27.63 16.10
N LEU B 200 -24.72 28.08 15.90
CA LEU B 200 -23.60 27.60 16.72
C LEU B 200 -23.86 27.84 18.22
N HIS B 201 -24.52 28.95 18.53
CA HIS B 201 -24.80 29.35 19.91
C HIS B 201 -25.78 28.37 20.59
N LYS B 202 -26.83 27.97 19.87
CA LYS B 202 -27.78 26.97 20.37
C LYS B 202 -27.09 25.61 20.63
N LEU B 203 -26.26 25.20 19.67
CA LEU B 203 -25.51 23.96 19.75
C LEU B 203 -24.52 23.98 20.94
N LEU B 204 -23.81 25.08 21.10
CA LEU B 204 -22.86 25.25 22.19
C LEU B 204 -23.55 25.25 23.57
N SER B 205 -24.84 25.56 23.60
CA SER B 205 -25.57 25.66 24.86
CA SER B 205 -25.55 25.65 24.87
C SER B 205 -25.98 24.29 25.44
N TYR B 206 -25.75 23.22 24.69
CA TYR B 206 -25.98 21.88 25.22
C TYR B 206 -24.86 21.51 26.19
N ASN B 207 -23.80 22.32 26.24
CA ASN B 207 -22.59 22.01 27.01
C ASN B 207 -21.95 20.73 26.46
N LEU B 208 -21.27 20.86 25.34
CA LEU B 208 -20.77 19.70 24.64
C LEU B 208 -19.65 18.97 25.38
N PRO B 209 -18.75 19.72 26.08
CA PRO B 209 -17.68 19.07 26.85
C PRO B 209 -18.21 18.17 27.96
N LEU B 210 -19.23 18.61 28.69
CA LEU B 210 -19.85 17.74 29.68
C LEU B 210 -20.51 16.55 29.01
N GLU B 211 -21.22 16.83 27.92
CA GLU B 211 -21.92 15.80 27.19
C GLU B 211 -20.96 14.70 26.65
N LEU B 212 -19.83 15.12 26.09
CA LEU B 212 -18.77 14.19 25.71
C LEU B 212 -18.36 13.25 26.84
N GLU B 213 -18.17 13.80 28.05
CA GLU B 213 -17.83 12.97 29.20
C GLU B 213 -18.94 11.99 29.62
N ASN B 214 -20.21 12.40 29.56
CA ASN B 214 -21.30 11.46 29.82
C ASN B 214 -21.29 10.31 28.79
N LEU B 215 -21.06 10.66 27.53
CA LEU B 215 -21.00 9.68 26.46
C LEU B 215 -19.86 8.67 26.67
N ARG B 216 -18.70 9.20 27.08
CA ARG B 216 -17.51 8.43 27.32
C ARG B 216 -17.77 7.45 28.41
N SER B 217 -18.33 7.94 29.51
CA SER B 217 -18.59 7.12 30.64
C SER B 217 -19.63 6.05 30.26
N LEU B 218 -20.67 6.42 29.50
CA LEU B 218 -21.62 5.38 29.04
C LEU B 218 -20.94 4.29 28.22
N LEU B 219 -20.01 4.69 27.32
CA LEU B 219 -19.43 3.72 26.40
C LEU B 219 -18.26 2.92 26.98
N GLU B 220 -17.47 3.51 27.86
CA GLU B 220 -16.53 2.73 28.66
C GLU B 220 -17.18 1.57 29.42
N SER B 221 -18.50 1.63 29.68
CA SER B 221 -19.15 0.53 30.37
C SER B 221 -19.96 -0.38 29.43
N THR B 222 -19.77 -0.18 28.12
CA THR B 222 -20.48 -0.95 27.10
C THR B 222 -19.49 -1.76 26.29
N PRO B 223 -19.35 -3.07 26.59
CA PRO B 223 -18.35 -3.90 25.88
C PRO B 223 -18.61 -3.94 24.38
N SER B 224 -17.56 -3.76 23.57
CA SER B 224 -17.67 -3.81 22.11
C SER B 224 -16.38 -4.29 21.53
N PRO B 225 -16.43 -5.37 20.77
CA PRO B 225 -15.15 -5.84 20.22
C PRO B 225 -14.50 -4.81 19.24
N VAL B 226 -13.17 -4.72 19.30
CA VAL B 226 -12.40 -3.90 18.38
C VAL B 226 -12.21 -4.66 17.05
N VAL B 227 -12.50 -4.02 15.93
CA VAL B 227 -12.49 -4.68 14.64
C VAL B 227 -12.17 -3.63 13.60
N PHE B 228 -11.77 -4.07 12.41
CA PHE B 228 -11.51 -3.15 11.32
C PHE B 228 -12.81 -2.59 10.78
N CYS B 229 -13.09 -1.33 11.15
CA CYS B 229 -14.31 -0.63 10.82
C CYS B 229 -14.22 0.19 9.53
N HIS B 230 -15.34 0.23 8.83
CA HIS B 230 -15.56 1.13 7.69
C HIS B 230 -15.80 2.58 8.09
N ASN B 231 -16.51 2.83 9.18
CA ASN B 231 -16.86 4.18 9.69
C ASN B 231 -17.74 5.11 8.87
N ASP B 232 -18.30 4.62 7.76
CA ASP B 232 -19.11 5.45 6.87
C ASP B 232 -20.00 4.53 6.03
N CYS B 233 -20.65 3.57 6.67
CA CYS B 233 -21.42 2.62 5.91
C CYS B 233 -22.83 3.14 5.68
N GLN B 234 -22.93 3.98 4.65
CA GLN B 234 -24.20 4.58 4.21
C GLN B 234 -24.44 4.19 2.74
N GLU B 235 -25.61 4.53 2.21
CA GLU B 235 -26.06 4.13 0.89
C GLU B 235 -25.14 4.65 -0.23
N GLY B 236 -24.66 5.89 -0.12
CA GLY B 236 -23.72 6.44 -1.10
C GLY B 236 -22.45 5.62 -1.25
N ASN B 237 -22.20 4.72 -0.28
CA ASN B 237 -20.98 3.90 -0.30
C ASN B 237 -21.19 2.43 -0.55
N ILE B 238 -22.39 2.06 -1.03
CA ILE B 238 -22.74 0.66 -1.28
C ILE B 238 -23.25 0.54 -2.71
N LEU B 239 -22.53 -0.23 -3.52
CA LEU B 239 -22.86 -0.39 -4.93
C LEU B 239 -23.76 -1.60 -5.13
N LEU B 240 -24.84 -1.40 -5.90
CA LEU B 240 -25.67 -2.52 -6.39
C LEU B 240 -25.07 -2.92 -7.73
N LEU B 241 -24.49 -4.11 -7.79
CA LEU B 241 -23.69 -4.50 -8.97
C LEU B 241 -24.56 -4.83 -10.17
N GLU B 242 -24.17 -4.27 -11.32
CA GLU B 242 -24.94 -4.40 -12.56
C GLU B 242 -25.12 -5.87 -12.98
N GLY B 243 -26.34 -6.21 -13.40
CA GLY B 243 -26.66 -7.58 -13.82
C GLY B 243 -26.66 -8.61 -12.71
N ARG B 244 -26.48 -8.18 -11.46
CA ARG B 244 -26.51 -9.11 -10.34
C ARG B 244 -27.72 -8.91 -9.44
N GLU B 245 -28.68 -8.11 -9.92
CA GLU B 245 -29.89 -7.70 -9.17
C GLU B 245 -30.73 -8.86 -8.66
N ASN B 246 -30.58 -10.02 -9.29
CA ASN B 246 -31.37 -11.22 -8.96
C ASN B 246 -30.70 -12.12 -7.93
N SER B 247 -29.47 -11.79 -7.54
CA SER B 247 -28.81 -12.52 -6.45
C SER B 247 -29.43 -12.07 -5.13
N GLU B 248 -29.84 -13.02 -4.30
CA GLU B 248 -30.41 -12.70 -3.01
C GLU B 248 -29.33 -12.23 -2.03
N LYS B 249 -28.16 -12.86 -2.10
CA LYS B 249 -27.11 -12.66 -1.10
C LYS B 249 -25.77 -12.07 -1.59
N GLN B 250 -25.59 -11.93 -2.91
CA GLN B 250 -24.32 -11.39 -3.41
C GLN B 250 -24.50 -10.33 -4.50
N LYS B 251 -25.15 -9.21 -4.18
CA LYS B 251 -25.32 -8.17 -5.20
C LYS B 251 -24.66 -6.81 -4.89
N LEU B 252 -23.83 -6.74 -3.84
CA LEU B 252 -23.31 -5.47 -3.34
C LEU B 252 -21.82 -5.50 -3.07
N MET B 253 -21.21 -4.33 -3.11
CA MET B 253 -19.84 -4.13 -2.70
C MET B 253 -19.83 -2.87 -1.83
N LEU B 254 -19.08 -2.91 -0.73
CA LEU B 254 -18.89 -1.75 0.12
C LEU B 254 -17.69 -1.06 -0.45
N ILE B 255 -17.82 0.23 -0.72
CA ILE B 255 -16.71 0.97 -1.28
C ILE B 255 -16.37 2.13 -0.39
N ASP B 256 -15.34 2.89 -0.76
CA ASP B 256 -14.98 4.15 -0.14
C ASP B 256 -14.61 3.98 1.34
N PHE B 257 -13.49 3.32 1.54
CA PHE B 257 -13.03 2.94 2.85
C PHE B 257 -11.97 3.91 3.35
N GLU B 258 -11.86 5.09 2.76
CA GLU B 258 -10.83 6.07 3.23
C GLU B 258 -10.85 6.47 4.75
N TYR B 259 -11.99 6.35 5.43
CA TYR B 259 -12.07 6.71 6.87
C TYR B 259 -11.88 5.51 7.84
N SER B 260 -11.56 4.36 7.27
CA SER B 260 -11.43 3.09 7.98
C SER B 260 -10.45 3.13 9.12
N SER B 261 -10.74 2.36 10.16
CA SER B 261 -9.78 2.26 11.28
C SER B 261 -10.23 1.16 12.24
N TYR B 262 -9.31 0.73 13.09
CA TYR B 262 -9.68 -0.19 14.15
C TYR B 262 -10.52 0.63 15.10
N ASN B 263 -11.74 0.15 15.32
CA ASN B 263 -12.71 0.89 16.07
C ASN B 263 -13.63 -0.15 16.70
N TYR B 264 -14.48 0.31 17.61
CA TYR B 264 -15.50 -0.50 18.24
C TYR B 264 -16.55 -0.93 17.24
N ARG B 265 -16.85 -2.22 17.23
CA ARG B 265 -17.78 -2.77 16.28
C ARG B 265 -19.18 -2.11 16.39
N GLY B 266 -19.61 -1.82 17.60
CA GLY B 266 -20.85 -1.10 17.83
C GLY B 266 -20.97 0.22 17.10
N PHE B 267 -19.85 0.93 16.90
CA PHE B 267 -19.90 2.20 16.19
C PHE B 267 -20.27 2.00 14.74
N ASP B 268 -19.66 1.03 14.07
CA ASP B 268 -19.90 0.86 12.65
C ASP B 268 -21.39 0.52 12.46
N ILE B 269 -21.92 -0.34 13.33
CA ILE B 269 -23.29 -0.82 13.20
C ILE B 269 -24.26 0.28 13.56
N GLY B 270 -24.08 0.91 14.71
CA GLY B 270 -24.96 1.96 15.16
C GLY B 270 -24.94 3.10 14.13
N ASN B 271 -23.72 3.50 13.73
CA ASN B 271 -23.58 4.48 12.66
C ASN B 271 -24.37 4.07 11.42
N HIS B 272 -24.25 2.81 10.99
CA HIS B 272 -25.06 2.37 9.85
C HIS B 272 -26.57 2.50 10.11
N PHE B 273 -27.03 2.12 11.29
CA PHE B 273 -28.44 2.34 11.67
C PHE B 273 -28.89 3.80 11.58
N CYS B 274 -28.03 4.72 12.01
CA CYS B 274 -28.40 6.13 12.00
C CYS B 274 -28.57 6.63 10.57
N GLU B 275 -27.83 6.05 9.63
CA GLU B 275 -27.99 6.44 8.22
C GLU B 275 -29.34 6.10 7.63
N TRP B 276 -30.13 5.26 8.31
CA TRP B 276 -31.47 4.99 7.79
C TRP B 276 -32.30 6.27 7.87
N MET B 277 -31.92 7.19 8.76
CA MET B 277 -32.69 8.42 8.97
C MET B 277 -32.45 9.56 7.96
N TYR B 278 -31.39 9.46 7.15
CA TYR B 278 -30.93 10.61 6.37
C TYR B 278 -30.92 10.35 4.87
N ASP B 279 -31.61 11.20 4.13
CA ASP B 279 -31.60 11.12 2.68
C ASP B 279 -30.85 12.32 2.09
N TYR B 280 -29.72 12.04 1.44
CA TYR B 280 -28.85 13.05 0.89
C TYR B 280 -29.09 13.41 -0.58
N SER B 281 -30.17 12.91 -1.17
CA SER B 281 -30.47 13.27 -2.56
C SER B 281 -31.59 14.34 -2.63
N TYR B 282 -32.02 14.86 -1.49
CA TYR B 282 -33.00 15.94 -1.49
C TYR B 282 -32.49 17.12 -2.33
N GLU B 283 -33.36 17.51 -3.28
CA GLU B 283 -32.98 18.38 -4.38
CA GLU B 283 -33.05 18.39 -4.39
C GLU B 283 -32.94 19.87 -4.02
N LYS B 284 -33.54 20.25 -2.90
CA LYS B 284 -33.37 21.64 -2.45
C LYS B 284 -32.80 21.74 -1.04
N TYR B 285 -32.31 22.95 -0.72
CA TYR B 285 -31.70 23.28 0.57
C TYR B 285 -32.58 22.80 1.75
N PRO B 286 -31.95 22.21 2.79
CA PRO B 286 -30.49 22.06 3.03
C PRO B 286 -29.83 20.83 2.35
N PHE B 287 -30.58 20.20 1.45
CA PHE B 287 -30.14 19.10 0.56
C PHE B 287 -30.05 17.73 1.28
N PHE B 288 -30.86 17.56 2.34
CA PHE B 288 -31.09 16.26 2.99
C PHE B 288 -32.46 16.28 3.65
N ARG B 289 -33.12 15.12 3.74
CA ARG B 289 -34.30 14.93 4.61
C ARG B 289 -33.84 14.13 5.84
N ALA B 290 -34.25 14.56 7.03
CA ALA B 290 -34.02 13.83 8.27
C ALA B 290 -35.35 13.29 8.77
N ASN B 291 -35.40 12.01 9.09
CA ASN B 291 -36.64 11.43 9.58
C ASN B 291 -36.38 10.42 10.68
N ILE B 292 -36.61 10.86 11.91
CA ILE B 292 -36.39 10.08 13.10
C ILE B 292 -37.14 8.72 13.13
N ARG B 293 -38.31 8.66 12.49
CA ARG B 293 -39.15 7.45 12.51
C ARG B 293 -38.62 6.35 11.58
N LYS B 294 -37.57 6.67 10.81
CA LYS B 294 -37.02 5.73 9.84
C LYS B 294 -35.84 4.91 10.41
N TYR B 295 -35.46 5.24 11.64
CA TYR B 295 -34.48 4.44 12.40
C TYR B 295 -34.98 3.01 12.45
N PRO B 296 -34.07 2.02 12.29
CA PRO B 296 -34.58 0.65 12.25
C PRO B 296 -35.39 0.32 13.53
N THR B 297 -36.55 -0.34 13.36
CA THR B 297 -37.30 -0.90 14.48
C THR B 297 -36.51 -2.06 15.10
N LYS B 298 -36.96 -2.51 16.27
CA LYS B 298 -36.31 -3.63 16.92
C LYS B 298 -36.23 -4.86 15.99
N LYS B 299 -37.31 -5.09 15.26
CA LYS B 299 -37.39 -6.23 14.36
C LYS B 299 -36.31 -6.15 13.27
N GLN B 300 -36.14 -4.94 12.71
CA GLN B 300 -35.20 -4.72 11.62
C GLN B 300 -33.77 -4.77 12.16
N GLN B 301 -33.59 -4.29 13.38
CA GLN B 301 -32.31 -4.40 14.02
C GLN B 301 -31.95 -5.87 14.23
N LEU B 302 -32.94 -6.67 14.64
CA LEU B 302 -32.71 -8.08 14.91
C LEU B 302 -32.41 -8.82 13.62
N HIS B 303 -33.14 -8.46 12.55
CA HIS B 303 -32.88 -9.00 11.22
C HIS B 303 -31.41 -8.75 10.79
N PHE B 304 -30.94 -7.52 10.96
CA PHE B 304 -29.55 -7.18 10.61
C PHE B 304 -28.52 -7.97 11.44
N ILE B 305 -28.67 -7.95 12.75
CA ILE B 305 -27.70 -8.63 13.58
C ILE B 305 -27.77 -10.17 13.47
N SER B 306 -28.94 -10.75 13.15
CA SER B 306 -29.04 -12.21 12.92
C SER B 306 -28.24 -12.58 11.69
N SER B 307 -28.04 -11.62 10.80
CA SER B 307 -27.23 -11.91 9.64
C SER B 307 -25.77 -11.62 9.96
N TYR B 308 -25.50 -10.55 10.70
CA TYR B 308 -24.14 -10.21 11.10
C TYR B 308 -23.44 -11.32 11.93
N LEU B 309 -24.09 -11.77 13.01
CA LEU B 309 -23.45 -12.67 13.97
C LEU B 309 -22.85 -13.96 13.36
N PRO B 310 -23.65 -14.71 12.57
CA PRO B 310 -23.06 -15.94 12.02
C PRO B 310 -21.97 -15.67 10.99
N ALA B 311 -21.96 -14.48 10.38
CA ALA B 311 -20.88 -14.13 9.44
C ALA B 311 -19.65 -13.58 10.16
N PHE B 312 -19.80 -13.11 11.38
CA PHE B 312 -18.66 -12.62 12.13
C PHE B 312 -18.04 -13.67 13.06
N GLN B 313 -18.88 -14.48 13.71
CA GLN B 313 -18.41 -15.51 14.65
C GLN B 313 -18.26 -16.91 14.04
N ASN B 314 -19.26 -17.37 13.28
CA ASN B 314 -19.21 -18.66 12.55
C ASN B 314 -19.42 -19.94 13.40
N ASP B 315 -19.04 -19.90 14.68
CA ASP B 315 -19.53 -20.87 15.66
C ASP B 315 -20.81 -20.35 16.32
N PHE B 316 -21.30 -19.20 15.84
CA PHE B 316 -22.53 -18.60 16.33
C PHE B 316 -23.75 -19.41 15.86
N GLU B 317 -23.74 -19.86 14.61
CA GLU B 317 -24.88 -20.63 14.09
C GLU B 317 -25.19 -21.89 14.92
N ASN B 318 -24.17 -22.39 15.65
CA ASN B 318 -24.30 -23.63 16.40
C ASN B 318 -24.56 -23.51 17.90
N LEU B 319 -24.85 -22.29 18.36
CA LEU B 319 -25.19 -22.07 19.75
C LEU B 319 -26.65 -22.42 19.97
N SER B 320 -27.02 -22.63 21.24
CA SER B 320 -28.41 -22.87 21.62
C SER B 320 -29.25 -21.61 21.36
N THR B 321 -30.54 -21.79 21.19
CA THR B 321 -31.43 -20.67 20.87
C THR B 321 -31.37 -19.59 21.94
N GLU B 322 -31.42 -19.99 23.21
CA GLU B 322 -31.41 -19.06 24.35
C GLU B 322 -30.14 -18.24 24.42
N GLU B 323 -29.03 -18.88 24.05
CA GLU B 323 -27.72 -18.26 24.14
C GLU B 323 -27.56 -17.23 23.04
N LYS B 324 -28.18 -17.52 21.89
CA LYS B 324 -28.20 -16.60 20.77
C LYS B 324 -28.99 -15.38 21.19
N SER B 325 -30.13 -15.62 21.82
CA SER B 325 -31.05 -14.58 22.24
C SER B 325 -30.40 -13.61 23.22
N ILE B 326 -29.59 -14.15 24.13
CA ILE B 326 -28.83 -13.37 25.11
C ILE B 326 -27.79 -12.50 24.38
N ILE B 327 -27.07 -13.12 23.45
CA ILE B 327 -26.08 -12.42 22.65
C ILE B 327 -26.70 -11.26 21.86
N LYS B 328 -27.87 -11.50 21.28
CA LYS B 328 -28.51 -10.52 20.44
C LYS B 328 -29.00 -9.31 21.23
N GLU B 329 -29.71 -9.59 22.33
CA GLU B 329 -30.24 -8.55 23.24
C GLU B 329 -29.12 -7.68 23.81
N GLU B 330 -28.00 -8.29 24.20
CA GLU B 330 -26.84 -7.47 24.59
C GLU B 330 -26.33 -6.63 23.41
N MET B 331 -26.40 -7.20 22.22
CA MET B 331 -25.92 -6.52 21.04
C MET B 331 -26.82 -5.34 20.67
N LEU B 332 -28.14 -5.49 20.82
CA LEU B 332 -29.05 -4.34 20.62
C LEU B 332 -28.71 -3.17 21.54
N LEU B 333 -28.54 -3.43 22.84
CA LEU B 333 -28.09 -2.38 23.77
C LEU B 333 -26.78 -1.78 23.31
N GLU B 334 -25.81 -2.65 22.98
CA GLU B 334 -24.49 -2.21 22.52
C GLU B 334 -24.55 -1.22 21.36
N VAL B 335 -25.19 -1.61 20.27
CA VAL B 335 -25.16 -0.76 19.03
C VAL B 335 -25.96 0.53 19.16
N ASN B 336 -27.10 0.45 19.85
CA ASN B 336 -27.95 1.58 20.15
C ASN B 336 -27.30 2.63 21.02
N ARG B 337 -26.48 2.18 21.97
CA ARG B 337 -25.68 3.09 22.75
C ARG B 337 -24.55 3.74 21.93
N PHE B 338 -23.87 2.97 21.09
CA PHE B 338 -22.82 3.49 20.19
C PHE B 338 -23.35 4.40 19.11
N ALA B 339 -24.60 4.21 18.73
CA ALA B 339 -25.23 5.09 17.79
C ALA B 339 -25.22 6.53 18.31
N LEU B 340 -25.29 6.70 19.62
CA LEU B 340 -25.19 8.09 20.19
C LEU B 340 -23.89 8.77 19.77
N ALA B 341 -22.80 8.00 19.69
CA ALA B 341 -21.51 8.54 19.27
C ALA B 341 -21.52 8.85 17.77
N SER B 342 -22.33 8.14 16.96
CA SER B 342 -22.45 8.52 15.55
C SER B 342 -23.08 9.93 15.43
N HIS B 343 -24.09 10.20 16.24
CA HIS B 343 -24.77 11.51 16.16
C HIS B 343 -23.82 12.56 16.65
N PHE B 344 -23.21 12.27 17.80
CA PHE B 344 -22.35 13.25 18.45
C PHE B 344 -21.16 13.61 17.58
N LEU B 345 -20.47 12.60 17.05
CA LEU B 345 -19.28 12.81 16.23
C LEU B 345 -19.64 13.53 14.93
N TRP B 346 -20.68 13.06 14.21
CA TRP B 346 -20.92 13.69 12.92
C TRP B 346 -21.56 15.06 13.07
N GLY B 347 -22.32 15.24 14.16
CA GLY B 347 -22.76 16.59 14.57
C GLY B 347 -21.61 17.60 14.66
N LEU B 348 -20.56 17.24 15.41
CA LEU B 348 -19.39 18.10 15.57
C LEU B 348 -18.70 18.32 14.24
N TRP B 349 -18.54 17.22 13.48
CA TRP B 349 -17.86 17.25 12.20
C TRP B 349 -18.57 18.23 11.26
N SER B 350 -19.91 18.16 11.27
CA SER B 350 -20.75 18.95 10.43
C SER B 350 -20.59 20.45 10.72
N ILE B 351 -20.42 20.80 12.00
CA ILE B 351 -20.10 22.18 12.37
C ILE B 351 -18.84 22.72 11.70
N VAL B 352 -17.75 21.96 11.79
CA VAL B 352 -16.48 22.31 11.15
C VAL B 352 -16.63 22.45 9.63
N GLN B 353 -17.35 21.54 8.99
CA GLN B 353 -17.48 21.58 7.54
C GLN B 353 -18.18 22.84 7.07
N ALA B 354 -19.13 23.32 7.87
CA ALA B 354 -19.84 24.54 7.59
C ALA B 354 -18.87 25.71 7.34
N LYS B 355 -17.82 25.79 8.16
CA LYS B 355 -16.77 26.78 8.02
C LYS B 355 -15.94 26.63 6.74
N ILE B 356 -15.56 25.38 6.41
CA ILE B 356 -14.55 25.11 5.38
C ILE B 356 -15.08 24.67 4.03
N SER B 357 -16.12 23.86 4.04
CA SER B 357 -16.69 23.34 2.81
C SER B 357 -17.51 24.43 2.14
N SER B 358 -17.21 24.69 0.86
CA SER B 358 -18.03 25.63 0.08
C SER B 358 -19.06 24.87 -0.76
N ILE B 359 -18.99 23.54 -0.73
CA ILE B 359 -19.95 22.64 -1.38
C ILE B 359 -21.39 22.96 -0.93
N GLU B 360 -22.38 22.57 -1.74
CA GLU B 360 -23.76 22.95 -1.42
C GLU B 360 -24.55 21.91 -0.62
N PHE B 361 -24.69 22.21 0.68
CA PHE B 361 -25.27 21.31 1.68
C PHE B 361 -25.36 22.17 2.93
N GLY B 362 -26.52 22.18 3.58
CA GLY B 362 -26.69 22.96 4.79
C GLY B 362 -26.16 22.19 6.00
N TYR B 363 -24.86 22.38 6.27
CA TYR B 363 -24.16 21.71 7.37
C TYR B 363 -24.64 22.04 8.77
N MET B 364 -24.97 23.30 9.05
CA MET B 364 -25.45 23.72 10.38
C MET B 364 -26.80 23.06 10.66
N ASP B 365 -27.67 23.01 9.68
CA ASP B 365 -28.96 22.30 9.83
C ASP B 365 -28.77 20.78 10.01
N TYR B 366 -27.76 20.24 9.35
CA TYR B 366 -27.50 18.81 9.49
C TYR B 366 -26.96 18.56 10.89
N ALA B 367 -26.04 19.43 11.34
CA ALA B 367 -25.51 19.34 12.69
C ALA B 367 -26.62 19.34 13.74
N GLN B 368 -27.57 20.26 13.60
CA GLN B 368 -28.73 20.33 14.51
C GLN B 368 -29.61 19.08 14.43
N ALA B 369 -29.76 18.53 13.24
CA ALA B 369 -30.52 17.29 13.04
C ALA B 369 -29.86 16.09 13.76
N ARG B 370 -28.52 16.04 13.75
CA ARG B 370 -27.80 14.98 14.42
C ARG B 370 -27.96 15.09 15.95
N PHE B 371 -27.94 16.33 16.45
CA PHE B 371 -28.06 16.52 17.90
C PHE B 371 -29.47 16.29 18.39
N ASP B 372 -30.46 16.71 17.59
CA ASP B 372 -31.83 16.38 17.92
C ASP B 372 -31.91 14.87 18.06
N ALA B 373 -31.27 14.15 17.14
CA ALA B 373 -31.31 12.69 17.13
C ALA B 373 -30.60 12.10 18.32
N TYR B 374 -29.51 12.75 18.72
CA TYR B 374 -28.74 12.35 19.86
C TYR B 374 -29.59 12.41 21.17
N PHE B 375 -30.19 13.57 21.44
CA PHE B 375 -31.09 13.73 22.61
C PHE B 375 -32.36 12.85 22.52
N HIS B 376 -32.86 12.61 21.33
CA HIS B 376 -34.03 11.74 21.23
C HIS B 376 -33.65 10.31 21.62
N GLN B 377 -32.48 9.85 21.14
CA GLN B 377 -32.03 8.50 21.37
C GLN B 377 -31.71 8.30 22.88
N LYS B 378 -31.10 9.30 23.51
CA LYS B 378 -30.90 9.28 24.97
C LYS B 378 -32.21 9.16 25.73
N ARG B 379 -33.22 9.88 25.29
CA ARG B 379 -34.53 9.80 25.91
C ARG B 379 -35.09 8.40 25.74
N LYS B 380 -35.12 7.92 24.51
CA LYS B 380 -35.47 6.54 24.21
C LYS B 380 -34.75 5.51 25.07
N LEU B 381 -33.44 5.69 25.29
CA LEU B 381 -32.65 4.73 26.07
C LEU B 381 -32.77 4.83 27.59
N GLY B 382 -33.17 6.00 28.10
CA GLY B 382 -33.18 6.27 29.57
C GLY B 382 -31.77 6.52 30.09
N VAL B 383 -30.99 7.24 29.29
CA VAL B 383 -29.59 7.37 29.51
C VAL B 383 -29.26 8.84 29.36
C1 U85 C . 20.97 1.70 -5.21
N1 U85 C . 21.08 0.38 -5.85
C2 U85 C . 19.87 -0.35 -6.26
C3 U85 C . 22.28 -0.19 -5.97
C4 U85 C . 22.44 -1.47 -6.50
C5 U85 C . 23.72 -2.07 -6.61
C6 U85 C . 23.40 0.51 -5.53
C7 U85 C . 24.67 -0.04 -5.62
N2 U85 C . 24.84 -1.33 -6.18
C8 U85 C . 26.19 -1.91 -6.20
C9 U85 C . 26.48 -2.22 -4.85
C10 U85 C . 25.89 -3.33 -4.25
C11 U85 C . 26.14 -3.61 -2.91
C12 U85 C . 27.32 -1.41 -4.09
C13 U85 C . 27.59 -1.71 -2.74
C14 U85 C . 27.01 -2.82 -2.13
C15 U85 C . 27.23 -3.16 -0.77
C16 U85 C . 26.44 -4.16 -0.18
C17 U85 C . 26.60 -4.55 1.15
C18 U85 C . 28.21 -2.55 0.01
C19 U85 C . 28.38 -2.93 1.35
C20 U85 C . 27.58 -3.93 1.93
C21 U85 C . 27.75 -4.34 3.26
N3 U85 C . 26.87 -3.58 4.21
C22 U85 C . 27.36 -2.55 4.93
N4 U85 C . 28.58 -2.01 4.99
C23 U85 C . 28.55 -1.01 5.85
N5 U85 C . 27.31 -0.91 6.33
C24 U85 C . 26.56 -1.87 5.77
C25 U85 C . 25.26 -2.20 5.91
N6 U85 C . 24.55 -1.47 6.78
N7 U85 C . 24.70 -3.22 5.23
C26 U85 C . 25.50 -3.96 4.35
N1 A4V D . 16.01 -9.85 5.95
C1 A4V D . 15.33 -8.83 5.47
N2 A4V D . 14.05 -9.03 5.73
C2 A4V D . 13.94 -10.18 6.38
C3 A4V D . 12.86 -10.82 6.86
N3 A4V D . 11.69 -10.20 6.68
N4 A4V D . 12.97 -12.01 7.51
C4 A4V D . 14.25 -12.56 7.67
N5 A4V D . 15.37 -11.88 7.17
C5 A4V D . 15.17 -10.71 6.52
C6 A4V D . 17.54 -13.97 9.05
C7 A4V D . 18.18 -14.20 10.28
C8 A4V D . 18.67 -13.14 11.03
C9 A4V D . 18.51 -11.85 10.55
C10 A4V D . 17.86 -11.61 9.32
C11 A4V D . 17.36 -12.67 8.56
C12 A4V D . 16.76 -12.48 7.30
C1 U85 E . -16.21 11.57 7.52
N1 U85 E . -17.19 10.52 7.88
C2 U85 E . -16.80 9.12 8.04
C3 U85 E . -18.50 10.86 7.91
C4 U85 E . -19.49 9.88 7.96
C5 U85 E . -20.85 10.21 7.98
C6 U85 E . -18.90 12.21 7.90
C7 U85 E . -20.25 12.55 7.93
N2 U85 E . -21.23 11.55 7.98
C8 U85 E . -22.68 11.94 7.97
C9 U85 E . -22.92 12.44 6.65
C10 U85 E . -22.94 11.55 5.57
C11 U85 E . -23.15 11.99 4.28
C12 U85 E . -23.07 13.81 6.37
C13 U85 E . -23.28 14.25 5.05
C14 U85 E . -23.29 13.34 3.97
C15 U85 E . -23.53 13.71 2.63
C16 U85 E . -23.57 12.71 1.64
C17 U85 E . -23.84 13.02 0.30
C18 U85 E . -23.79 15.03 2.23
C19 U85 E . -24.06 15.34 0.89
C20 U85 E . -24.08 14.35 -0.08
C21 U85 E . -24.38 14.65 -1.43
N3 U85 E . -23.20 14.95 -2.28
C22 U85 E . -22.84 16.24 -2.47
N4 U85 E . -23.35 17.39 -2.03
C23 U85 E . -22.62 18.40 -2.51
N5 U85 E . -21.66 17.88 -3.27
C24 U85 E . -21.79 16.55 -3.25
C25 U85 E . -21.07 15.58 -3.84
N6 U85 E . -20.05 16.00 -4.58
N7 U85 E . -21.37 14.27 -3.70
C26 U85 E . -22.47 13.92 -2.91
N1 A4V F . -18.01 4.65 -6.87
C1 A4V F . -16.89 4.75 -6.17
N2 A4V F . -15.99 3.92 -6.71
C2 A4V F . -16.57 3.32 -7.75
C3 A4V F . -16.09 2.42 -8.61
N3 A4V F . -14.82 2.04 -8.43
N4 A4V F . -16.85 1.94 -9.63
C4 A4V F . -18.16 2.39 -9.78
N5 A4V F . -18.66 3.34 -8.86
C5 A4V F . -17.84 3.77 -7.87
C6 A4V F . -20.99 4.04 -11.24
C7 A4V F . -21.34 4.85 -12.34
C8 A4V F . -21.12 6.23 -12.31
C9 A4V F . -20.55 6.79 -11.18
C10 A4V F . -20.20 5.99 -10.09
C11 A4V F . -20.40 4.61 -10.11
C12 A4V F . -20.08 3.81 -8.99
P PO4 G . -24.74 26.23 6.01
O1 PO4 G . -25.23 25.88 7.41
O2 PO4 G . -25.91 26.16 5.04
O3 PO4 G . -23.61 25.30 5.61
O4 PO4 G . -24.21 27.66 5.96
#